data_1W1Y
#
_entry.id   1W1Y
#
_cell.length_a   55.433
_cell.length_b   103.528
_cell.length_c   183.859
_cell.angle_alpha   90.00
_cell.angle_beta   90.00
_cell.angle_gamma   90.00
#
_symmetry.space_group_name_H-M   'P 21 21 21'
#
loop_
_entity.id
_entity.type
_entity.pdbx_description
1 polymer 'CHITINASE B'
2 non-polymer GLYCEROL
3 non-polymer 'SULFATE ION'
4 non-polymer 'CYCLO-(L-TYROSINE-L-PROLINE) INHIBITOR'
5 water water
#
_entity_poly.entity_id   1
_entity_poly.type   'polypeptide(L)'
_entity_poly.pdbx_seq_one_letter_code
;MSTRKAVIGYYFIPTNQINNYTETDTSVVPFPVSNITPAKAKQLTHINFSFLDINSNLECAWDPATNDAKARDVVNRLTA
LKAHNPSLRIMFSIGGWYYSNDLGVSHANYVNAVKTPASRAKFAQSCVRIMKDYGFDGVDIDWEYPQAAEVDGFIAALQE
IRTLLNQQTITDGRQALPYQLTIAGAGGAFFLSRYYSKLAQIVAPLDYINLMTYDLAGPWEKVTNHQAALFGDAAGPTFY
NALREANLGWSWEELTRAFPSPFSLTVDAAVQQHLMMEGVPSAKIVMGVPFYGRAFKGVSGGNGGQYSSHSTPGEDPYPS
TDYWLVGCEECVRDKDPRIASYRQLEQMLQGNYGYQRLWNDKTKTPYLYHAQNGLFVTYDDAESFKYKAKYIKQQQLGGV
MFWHLGQDNRNGDLLAALDRYFNAADYDDSQLDMGTGLRYTGVGPGNLPIMTAPAYVPGTTYAQGALVSYQGYVWQTKWG
YITSAPGSDSAWLKVGRVA
;
_entity_poly.pdbx_strand_id   A,B
#
loop_
_chem_comp.id
_chem_comp.type
_chem_comp.name
_chem_comp.formula
GOL non-polymer GLYCEROL 'C3 H8 O3'
SO4 non-polymer 'SULFATE ION' 'O4 S -2'
TYP non-polymer 'CYCLO-(L-TYROSINE-L-PROLINE) INHIBITOR' 'C14 H16 N2 O3'
#
# COMPACT_ATOMS: atom_id res chain seq x y z
N THR A 3 27.33 7.29 -25.39
CA THR A 3 28.08 7.17 -24.09
C THR A 3 28.59 5.75 -23.95
N ARG A 4 29.89 5.63 -23.73
CA ARG A 4 30.49 4.31 -23.59
C ARG A 4 29.89 3.63 -22.36
N LYS A 5 29.57 2.35 -22.48
CA LYS A 5 29.03 1.62 -21.34
C LYS A 5 30.13 1.35 -20.35
N ALA A 6 29.79 1.43 -19.07
CA ALA A 6 30.79 1.18 -18.05
C ALA A 6 31.04 -0.32 -18.04
N VAL A 7 32.27 -0.70 -17.71
CA VAL A 7 32.65 -2.10 -17.58
C VAL A 7 33.47 -2.05 -16.28
N ILE A 8 32.81 -2.42 -15.21
CA ILE A 8 33.37 -2.34 -13.87
C ILE A 8 33.77 -3.70 -13.35
N GLY A 9 35.07 -3.94 -13.26
CA GLY A 9 35.51 -5.22 -12.78
C GLY A 9 36.15 -5.15 -11.43
N TYR A 10 35.70 -6.00 -10.53
CA TYR A 10 36.29 -6.03 -9.22
C TYR A 10 37.68 -6.66 -9.25
N TYR A 11 38.61 -6.05 -8.53
CA TYR A 11 39.94 -6.63 -8.37
C TYR A 11 39.91 -6.90 -6.87
N PHE A 12 39.84 -8.16 -6.49
CA PHE A 12 39.76 -8.52 -5.09
C PHE A 12 41.04 -9.16 -4.64
N ILE A 13 41.59 -8.63 -3.55
CA ILE A 13 42.80 -9.24 -3.05
C ILE A 13 42.73 -9.27 -1.54
N PRO A 14 42.74 -10.48 -0.97
CA PRO A 14 42.68 -10.59 0.48
C PRO A 14 43.94 -10.02 1.10
N THR A 15 43.82 -9.65 2.36
CA THR A 15 44.94 -9.07 3.10
C THR A 15 46.22 -9.90 3.07
N ASN A 16 46.13 -11.21 3.26
CA ASN A 16 47.32 -12.04 3.25
C ASN A 16 48.03 -12.01 1.89
N GLN A 17 47.29 -11.77 0.80
CA GLN A 17 47.91 -11.70 -0.51
C GLN A 17 48.56 -10.35 -0.67
N ILE A 18 47.93 -9.32 -0.13
CA ILE A 18 48.56 -8.02 -0.21
C ILE A 18 49.88 -8.15 0.58
N ASN A 19 49.78 -8.69 1.78
CA ASN A 19 50.96 -8.82 2.65
C ASN A 19 52.08 -9.67 2.08
N ASN A 20 51.77 -10.50 1.10
CA ASN A 20 52.74 -11.39 0.49
C ASN A 20 52.73 -11.19 -1.01
N TYR A 21 52.33 -10.01 -1.43
CA TYR A 21 52.22 -9.74 -2.85
C TYR A 21 53.41 -10.12 -3.71
N THR A 22 53.09 -10.81 -4.80
CA THR A 22 54.06 -11.22 -5.78
C THR A 22 53.31 -11.38 -7.09
N GLU A 23 53.97 -11.04 -8.18
CA GLU A 23 53.39 -11.15 -9.50
C GLU A 23 53.95 -12.35 -10.24
N THR A 24 54.73 -13.17 -9.56
CA THR A 24 55.32 -14.29 -10.27
C THR A 24 55.10 -15.63 -9.62
N ASP A 25 54.12 -15.69 -8.72
CA ASP A 25 53.80 -16.96 -8.10
C ASP A 25 52.32 -17.13 -7.79
N THR A 26 51.62 -17.74 -8.73
CA THR A 26 50.18 -18.01 -8.63
C THR A 26 49.77 -18.70 -7.34
N SER A 27 50.70 -19.41 -6.71
CA SER A 27 50.39 -20.12 -5.48
C SER A 27 50.19 -19.14 -4.33
N VAL A 28 50.78 -17.95 -4.47
CA VAL A 28 50.68 -16.93 -3.43
C VAL A 28 49.59 -15.93 -3.76
N VAL A 29 49.68 -15.38 -4.96
CA VAL A 29 48.69 -14.45 -5.44
C VAL A 29 48.26 -14.97 -6.80
N PRO A 30 47.10 -15.65 -6.84
CA PRO A 30 46.55 -16.22 -8.07
C PRO A 30 46.38 -15.22 -9.18
N PHE A 31 45.92 -14.03 -8.81
CA PHE A 31 45.67 -13.00 -9.81
C PHE A 31 46.35 -11.70 -9.45
N PRO A 32 47.64 -11.58 -9.75
CA PRO A 32 48.35 -10.35 -9.43
C PRO A 32 47.97 -9.32 -10.46
N VAL A 33 48.21 -8.05 -10.14
CA VAL A 33 47.86 -6.97 -11.05
C VAL A 33 48.45 -7.07 -12.46
N SER A 34 49.61 -7.70 -12.59
CA SER A 34 50.23 -7.81 -13.91
C SER A 34 49.39 -8.66 -14.86
N ASN A 35 48.50 -9.47 -14.30
CA ASN A 35 47.63 -10.26 -15.15
C ASN A 35 46.63 -9.35 -15.84
N ILE A 36 46.50 -8.10 -15.36
CA ILE A 36 45.61 -7.17 -16.03
C ILE A 36 46.46 -6.44 -17.07
N THR A 37 46.52 -7.05 -18.25
CA THR A 37 47.31 -6.55 -19.36
C THR A 37 46.77 -5.25 -19.97
N PRO A 38 47.60 -4.59 -20.79
CA PRO A 38 47.15 -3.35 -21.41
C PRO A 38 45.79 -3.59 -22.10
N ALA A 39 45.65 -4.76 -22.74
CA ALA A 39 44.41 -5.10 -23.43
C ALA A 39 43.22 -5.12 -22.47
N LYS A 40 43.38 -5.80 -21.34
CA LYS A 40 42.30 -5.86 -20.37
C LYS A 40 42.07 -4.48 -19.79
N ALA A 41 43.14 -3.76 -19.46
CA ALA A 41 42.98 -2.41 -18.92
C ALA A 41 42.14 -1.54 -19.84
N LYS A 42 42.28 -1.70 -21.15
CA LYS A 42 41.51 -0.88 -22.10
C LYS A 42 40.04 -1.33 -22.20
N GLN A 43 39.79 -2.59 -21.87
CA GLN A 43 38.45 -3.14 -21.94
C GLN A 43 37.62 -2.78 -20.71
N LEU A 44 38.29 -2.33 -19.67
CA LEU A 44 37.64 -1.93 -18.42
C LEU A 44 37.48 -0.43 -18.37
N THR A 45 36.43 0.05 -17.70
CA THR A 45 36.31 1.49 -17.53
C THR A 45 36.60 1.72 -16.05
N HIS A 46 36.38 0.69 -15.23
CA HIS A 46 36.63 0.84 -13.78
C HIS A 46 37.11 -0.44 -13.18
N ILE A 47 38.04 -0.33 -12.23
CA ILE A 47 38.46 -1.49 -11.50
C ILE A 47 38.09 -1.14 -10.07
N ASN A 48 37.30 -1.99 -9.44
CA ASN A 48 36.93 -1.75 -8.05
C ASN A 48 37.88 -2.54 -7.17
N PHE A 49 38.87 -1.87 -6.65
CA PHE A 49 39.81 -2.52 -5.75
C PHE A 49 39.02 -2.87 -4.50
N SER A 50 39.14 -4.09 -4.00
CA SER A 50 38.35 -4.48 -2.84
C SER A 50 39.19 -5.38 -1.95
N PHE A 51 38.99 -5.35 -0.63
CA PHE A 51 38.03 -4.47 0.05
C PHE A 51 38.66 -3.66 1.15
N LEU A 52 38.13 -2.46 1.35
CA LEU A 52 38.50 -1.67 2.52
C LEU A 52 37.25 -1.87 3.41
N ASP A 53 37.27 -1.31 4.61
CA ASP A 53 36.20 -1.54 5.55
C ASP A 53 35.94 -0.25 6.35
N ILE A 54 35.00 -0.31 7.27
CA ILE A 54 34.74 0.82 8.15
C ILE A 54 35.14 0.24 9.51
N ASN A 55 36.09 0.87 10.19
CA ASN A 55 36.55 0.33 11.46
C ASN A 55 35.72 0.84 12.64
N SER A 56 36.12 0.46 13.85
CA SER A 56 35.38 0.88 15.03
C SER A 56 35.48 2.36 15.26
N ASN A 57 36.49 2.99 14.66
CA ASN A 57 36.62 4.43 14.79
C ASN A 57 35.67 5.09 13.78
N LEU A 58 34.86 4.25 13.13
CA LEU A 58 33.87 4.69 12.16
C LEU A 58 34.42 5.49 10.99
N GLU A 59 35.57 5.06 10.52
CA GLU A 59 36.19 5.68 9.37
C GLU A 59 36.48 4.57 8.39
N CYS A 60 36.54 4.95 7.12
CA CYS A 60 36.94 4.04 6.06
C CYS A 60 38.38 3.68 6.40
N ALA A 61 38.74 2.41 6.25
CA ALA A 61 40.09 2.03 6.59
C ALA A 61 40.43 0.68 6.01
N TRP A 62 41.72 0.42 5.87
CA TRP A 62 42.16 -0.89 5.41
C TRP A 62 42.01 -1.82 6.61
N ASP A 63 42.04 -3.11 6.31
CA ASP A 63 42.02 -4.18 7.30
C ASP A 63 43.25 -3.82 8.16
N PRO A 64 43.12 -3.75 9.50
CA PRO A 64 44.25 -3.40 10.39
C PRO A 64 45.52 -4.26 10.22
N ALA A 65 45.34 -5.47 9.71
CA ALA A 65 46.45 -6.41 9.48
C ALA A 65 47.19 -6.13 8.17
N THR A 66 46.70 -5.18 7.39
CA THR A 66 47.33 -4.88 6.12
C THR A 66 48.68 -4.19 6.26
N ASN A 67 49.64 -4.66 5.47
CA ASN A 67 50.97 -4.06 5.43
C ASN A 67 50.75 -2.88 4.51
N ASP A 68 50.70 -1.68 5.07
CA ASP A 68 50.44 -0.52 4.26
C ASP A 68 51.38 -0.29 3.09
N ALA A 69 52.66 -0.59 3.24
CA ALA A 69 53.60 -0.39 2.14
C ALA A 69 53.25 -1.27 0.93
N LYS A 70 52.93 -2.52 1.22
CA LYS A 70 52.57 -3.41 0.12
C LYS A 70 51.20 -3.02 -0.44
N ALA A 71 50.28 -2.59 0.43
CA ALA A 71 48.97 -2.18 -0.07
C ALA A 71 49.17 -1.03 -1.04
N ARG A 72 50.02 -0.06 -0.68
CA ARG A 72 50.25 1.08 -1.57
C ARG A 72 50.82 0.60 -2.89
N ASP A 73 51.68 -0.40 -2.83
CA ASP A 73 52.30 -0.90 -4.03
C ASP A 73 51.28 -1.57 -4.95
N VAL A 74 50.40 -2.37 -4.37
CA VAL A 74 49.38 -3.05 -5.18
C VAL A 74 48.48 -1.98 -5.81
N VAL A 75 48.07 -1.00 -5.04
CA VAL A 75 47.23 0.05 -5.60
C VAL A 75 47.98 0.82 -6.68
N ASN A 76 49.26 1.12 -6.45
CA ASN A 76 50.02 1.84 -7.47
C ASN A 76 50.10 1.06 -8.78
N ARG A 77 50.22 -0.26 -8.69
CA ARG A 77 50.29 -1.07 -9.91
C ARG A 77 48.98 -0.93 -10.68
N LEU A 78 47.87 -0.90 -9.95
CA LEU A 78 46.58 -0.74 -10.59
C LEU A 78 46.45 0.63 -11.23
N THR A 79 46.75 1.70 -10.49
CA THR A 79 46.61 3.03 -11.07
C THR A 79 47.57 3.24 -12.23
N ALA A 80 48.68 2.51 -12.22
CA ALA A 80 49.64 2.63 -13.32
C ALA A 80 48.96 2.12 -14.60
N LEU A 81 47.93 1.28 -14.43
CA LEU A 81 47.20 0.77 -15.60
C LEU A 81 46.51 1.89 -16.38
N LYS A 82 46.25 3.02 -15.73
CA LYS A 82 45.62 4.12 -16.43
C LYS A 82 46.44 4.62 -17.62
N ALA A 83 47.72 4.27 -17.63
CA ALA A 83 48.61 4.66 -18.72
C ALA A 83 48.10 4.02 -20.00
N HIS A 84 47.46 2.87 -19.86
CA HIS A 84 46.91 2.12 -20.99
C HIS A 84 45.51 2.57 -21.38
N ASN A 85 44.80 3.20 -20.45
CA ASN A 85 43.42 3.62 -20.71
C ASN A 85 43.11 4.91 -19.97
N PRO A 86 43.07 6.04 -20.69
CA PRO A 86 42.79 7.35 -20.09
C PRO A 86 41.41 7.49 -19.44
N SER A 87 40.54 6.52 -19.68
CA SER A 87 39.19 6.57 -19.10
C SER A 87 39.10 5.67 -17.88
N LEU A 88 40.13 4.87 -17.67
CA LEU A 88 40.12 3.92 -16.57
C LEU A 88 40.17 4.54 -15.19
N ARG A 89 39.29 4.09 -14.30
CA ARG A 89 39.29 4.58 -12.92
C ARG A 89 39.56 3.42 -12.02
N ILE A 90 40.43 3.62 -11.04
CA ILE A 90 40.66 2.59 -10.05
C ILE A 90 39.89 3.05 -8.81
N MET A 91 38.71 2.46 -8.64
CA MET A 91 37.86 2.76 -7.50
C MET A 91 38.31 1.89 -6.33
N PHE A 92 37.88 2.20 -5.12
CA PHE A 92 38.13 1.28 -4.04
C PHE A 92 36.74 1.05 -3.46
N SER A 93 36.50 -0.19 -3.09
CA SER A 93 35.23 -0.61 -2.52
C SER A 93 35.34 -0.82 -1.03
N ILE A 94 34.36 -0.28 -0.32
CA ILE A 94 34.30 -0.43 1.11
C ILE A 94 33.22 -1.43 1.47
N GLY A 95 33.59 -2.46 2.21
CA GLY A 95 32.56 -3.37 2.64
C GLY A 95 32.59 -4.73 2.02
N GLY A 96 31.49 -5.06 1.35
CA GLY A 96 31.37 -6.38 0.76
C GLY A 96 30.56 -7.21 1.72
N TRP A 97 30.08 -8.35 1.21
CA TRP A 97 29.25 -9.24 2.00
C TRP A 97 29.81 -9.60 3.38
N TYR A 98 31.04 -10.10 3.41
CA TYR A 98 31.59 -10.54 4.70
C TYR A 98 31.77 -9.46 5.75
N TYR A 99 32.24 -8.30 5.36
CA TYR A 99 32.39 -7.21 6.34
C TYR A 99 31.08 -6.59 6.76
N SER A 100 30.20 -6.39 5.78
CA SER A 100 28.98 -5.63 6.02
C SER A 100 27.62 -6.28 6.17
N ASN A 101 27.49 -7.56 5.87
CA ASN A 101 26.19 -8.17 6.02
C ASN A 101 25.78 -8.07 7.51
N ASP A 102 24.49 -8.20 7.79
CA ASP A 102 23.97 -8.05 9.15
C ASP A 102 24.78 -8.77 10.22
N LEU A 103 25.24 -9.96 9.89
CA LEU A 103 25.99 -10.78 10.84
C LEU A 103 27.48 -10.75 10.56
N GLY A 104 27.91 -9.81 9.72
CA GLY A 104 29.30 -9.70 9.38
C GLY A 104 30.12 -9.03 10.47
N VAL A 105 31.42 -9.29 10.45
CA VAL A 105 32.31 -8.77 11.47
C VAL A 105 32.24 -7.26 11.71
N SER A 106 32.13 -6.48 10.65
CA SER A 106 32.11 -5.02 10.85
C SER A 106 30.76 -4.35 10.71
N HIS A 107 29.69 -5.14 10.65
CA HIS A 107 28.36 -4.57 10.49
C HIS A 107 28.04 -3.34 11.34
N ALA A 108 28.27 -3.42 12.64
CA ALA A 108 27.96 -2.29 13.52
C ALA A 108 28.62 -0.98 13.10
N ASN A 109 29.83 -1.05 12.55
CA ASN A 109 30.54 0.17 12.14
C ASN A 109 29.82 0.88 10.99
N TYR A 110 29.17 0.10 10.13
CA TYR A 110 28.43 0.69 9.04
C TYR A 110 27.20 1.39 9.59
N VAL A 111 26.46 0.69 10.44
CA VAL A 111 25.27 1.25 11.06
C VAL A 111 25.64 2.52 11.82
N ASN A 112 26.71 2.42 12.60
CA ASN A 112 27.14 3.56 13.42
C ASN A 112 27.76 4.71 12.66
N ALA A 113 28.48 4.43 11.59
CA ALA A 113 29.11 5.49 10.82
C ALA A 113 28.12 6.45 10.16
N VAL A 114 26.94 5.97 9.78
CA VAL A 114 26.01 6.84 9.09
C VAL A 114 24.97 7.49 10.01
N LYS A 115 25.08 7.21 11.31
CA LYS A 115 24.12 7.69 12.31
C LYS A 115 23.91 9.17 12.53
N THR A 116 24.98 9.92 12.59
CA THR A 116 24.84 11.35 12.89
C THR A 116 25.54 12.27 11.90
N PRO A 117 25.22 13.57 11.95
CA PRO A 117 25.89 14.47 11.01
C PRO A 117 27.40 14.37 11.26
N ALA A 118 27.80 14.29 12.52
CA ALA A 118 29.22 14.21 12.86
C ALA A 118 29.86 12.89 12.40
N SER A 119 29.15 11.78 12.59
CA SER A 119 29.75 10.50 12.17
C SER A 119 29.80 10.43 10.64
N ARG A 120 28.78 10.94 9.97
CA ARG A 120 28.75 10.92 8.51
C ARG A 120 29.86 11.81 7.96
N ALA A 121 30.01 12.98 8.55
CA ALA A 121 31.05 13.91 8.13
C ALA A 121 32.42 13.26 8.28
N LYS A 122 32.65 12.65 9.44
CA LYS A 122 33.93 12.01 9.71
C LYS A 122 34.18 10.85 8.75
N PHE A 123 33.13 10.04 8.56
CA PHE A 123 33.25 8.90 7.68
C PHE A 123 33.49 9.38 6.25
N ALA A 124 32.66 10.33 5.79
CA ALA A 124 32.81 10.87 4.44
C ALA A 124 34.23 11.38 4.23
N GLN A 125 34.72 12.15 5.20
CA GLN A 125 36.07 12.68 5.10
C GLN A 125 37.10 11.59 4.93
N SER A 126 36.96 10.52 5.71
CA SER A 126 37.89 9.43 5.64
C SER A 126 37.90 8.75 4.27
N CYS A 127 36.76 8.70 3.61
CA CYS A 127 36.71 8.05 2.30
C CYS A 127 37.51 8.87 1.29
N VAL A 128 37.34 10.17 1.35
CA VAL A 128 38.05 11.00 0.41
C VAL A 128 39.53 11.01 0.73
N ARG A 129 39.87 11.04 2.01
CA ARG A 129 41.26 11.05 2.44
C ARG A 129 41.93 9.77 1.95
N ILE A 130 41.26 8.64 2.14
CA ILE A 130 41.82 7.35 1.71
C ILE A 130 41.94 7.39 0.19
N MET A 131 40.92 7.90 -0.47
CA MET A 131 40.94 7.97 -1.94
C MET A 131 42.18 8.74 -2.42
N LYS A 132 42.41 9.91 -1.84
CA LYS A 132 43.54 10.74 -2.25
C LYS A 132 44.89 10.19 -1.79
N ASP A 133 44.93 9.66 -0.58
CA ASP A 133 46.19 9.15 -0.06
C ASP A 133 46.70 7.96 -0.87
N TYR A 134 45.80 7.09 -1.34
CA TYR A 134 46.28 5.94 -2.10
C TYR A 134 46.19 6.11 -3.61
N GLY A 135 45.55 7.17 -4.07
CA GLY A 135 45.50 7.41 -5.50
C GLY A 135 44.32 6.78 -6.22
N PHE A 136 43.24 6.51 -5.49
CA PHE A 136 42.07 5.93 -6.11
C PHE A 136 41.34 7.04 -6.84
N ASP A 137 40.44 6.64 -7.73
CA ASP A 137 39.69 7.55 -8.59
C ASP A 137 38.25 7.69 -8.19
N GLY A 138 37.86 6.99 -7.13
CA GLY A 138 36.48 7.09 -6.72
C GLY A 138 36.25 6.18 -5.53
N VAL A 139 35.07 6.30 -4.95
CA VAL A 139 34.68 5.55 -3.76
C VAL A 139 33.51 4.67 -4.11
N ASP A 140 33.61 3.39 -3.75
CA ASP A 140 32.48 2.51 -3.98
C ASP A 140 32.15 1.90 -2.63
N ILE A 141 30.90 1.95 -2.26
CA ILE A 141 30.50 1.39 -0.98
C ILE A 141 29.60 0.21 -1.20
N ASP A 142 29.99 -0.91 -0.62
CA ASP A 142 29.25 -2.16 -0.76
C ASP A 142 28.70 -2.63 0.58
N TRP A 143 27.78 -1.86 1.15
CA TRP A 143 27.17 -2.27 2.42
C TRP A 143 25.98 -3.10 1.99
N GLU A 144 26.00 -4.36 2.40
CA GLU A 144 24.96 -5.29 2.02
C GLU A 144 24.16 -5.77 3.24
N TYR A 145 23.18 -5.02 3.69
CA TYR A 145 22.68 -3.77 3.11
C TYR A 145 22.07 -2.94 4.24
N PRO A 146 22.03 -1.60 4.08
CA PRO A 146 21.43 -0.79 5.13
C PRO A 146 19.98 -1.18 5.25
N GLN A 147 19.46 -1.18 6.47
CA GLN A 147 18.08 -1.54 6.68
C GLN A 147 17.27 -0.28 6.69
N ALA A 148 15.96 -0.43 6.69
CA ALA A 148 15.04 0.70 6.64
C ALA A 148 15.44 1.90 7.49
N ALA A 149 15.71 1.66 8.77
CA ALA A 149 16.05 2.73 9.70
C ALA A 149 17.40 3.38 9.48
N GLU A 150 18.30 2.69 8.79
CA GLU A 150 19.66 3.18 8.53
C GLU A 150 19.77 3.82 7.16
N VAL A 151 18.70 3.72 6.37
CA VAL A 151 18.73 4.26 5.02
C VAL A 151 18.90 5.76 4.94
N ASP A 152 18.20 6.52 5.79
CA ASP A 152 18.35 7.98 5.71
C ASP A 152 19.78 8.41 5.99
N GLY A 153 20.41 7.72 6.93
CA GLY A 153 21.78 8.02 7.31
C GLY A 153 22.71 7.66 6.18
N PHE A 154 22.48 6.49 5.62
CA PHE A 154 23.27 6.01 4.48
C PHE A 154 23.15 7.05 3.35
N ILE A 155 21.95 7.50 3.07
CA ILE A 155 21.72 8.49 2.01
C ILE A 155 22.48 9.76 2.30
N ALA A 156 22.36 10.23 3.54
CA ALA A 156 23.06 11.44 3.93
C ALA A 156 24.57 11.24 3.79
N ALA A 157 25.07 10.06 4.13
CA ALA A 157 26.52 9.83 4.01
C ALA A 157 26.97 9.90 2.55
N LEU A 158 26.17 9.30 1.67
CA LEU A 158 26.48 9.33 0.25
C LEU A 158 26.43 10.77 -0.24
N GLN A 159 25.45 11.54 0.20
CA GLN A 159 25.39 12.94 -0.24
C GLN A 159 26.64 13.68 0.24
N GLU A 160 27.06 13.40 1.48
CA GLU A 160 28.26 14.08 2.01
C GLU A 160 29.49 13.70 1.21
N ILE A 161 29.61 12.42 0.83
CA ILE A 161 30.76 11.99 0.05
C ILE A 161 30.68 12.64 -1.31
N ARG A 162 29.49 12.70 -1.89
CA ARG A 162 29.33 13.34 -3.20
C ARG A 162 29.82 14.80 -3.14
N THR A 163 29.37 15.55 -2.13
CA THR A 163 29.82 16.93 -2.00
C THR A 163 31.34 17.05 -1.94
N LEU A 164 31.96 16.23 -1.10
CA LEU A 164 33.42 16.26 -0.96
C LEU A 164 34.13 15.83 -2.22
N LEU A 165 33.61 14.81 -2.90
CA LEU A 165 34.27 14.37 -4.14
C LEU A 165 34.18 15.43 -5.22
N ASN A 166 33.00 16.04 -5.36
CA ASN A 166 32.80 17.07 -6.37
C ASN A 166 33.75 18.23 -6.10
N GLN A 167 33.92 18.57 -4.83
CA GLN A 167 34.87 19.62 -4.45
C GLN A 167 36.29 19.20 -4.80
N GLN A 168 36.63 17.93 -4.50
CA GLN A 168 37.96 17.39 -4.78
C GLN A 168 38.24 17.36 -6.29
N THR A 169 37.22 17.01 -7.07
CA THR A 169 37.34 16.98 -8.53
C THR A 169 37.77 18.38 -9.03
N ILE A 170 37.10 19.42 -8.53
CA ILE A 170 37.43 20.78 -8.97
C ILE A 170 38.84 21.15 -8.52
N THR A 171 39.13 20.86 -7.26
CA THR A 171 40.44 21.16 -6.66
C THR A 171 41.59 20.46 -7.38
N ASP A 172 41.30 19.31 -7.99
CA ASP A 172 42.32 18.54 -8.67
C ASP A 172 42.27 18.65 -10.17
N GLY A 173 41.40 19.52 -10.67
CA GLY A 173 41.27 19.70 -12.10
C GLY A 173 40.89 18.43 -12.83
N ARG A 174 40.03 17.63 -12.19
CA ARG A 174 39.60 16.36 -12.75
C ARG A 174 38.31 16.39 -13.53
N GLN A 175 38.00 17.53 -14.12
CA GLN A 175 36.79 17.64 -14.93
C GLN A 175 36.74 16.56 -16.00
N ALA A 176 37.89 16.20 -16.56
CA ALA A 176 37.92 15.20 -17.61
C ALA A 176 37.60 13.78 -17.11
N LEU A 177 37.86 13.53 -15.83
CA LEU A 177 37.63 12.20 -15.23
C LEU A 177 37.29 12.45 -13.78
N PRO A 178 36.09 12.98 -13.54
CA PRO A 178 35.62 13.30 -12.18
C PRO A 178 35.69 12.12 -11.21
N TYR A 179 35.98 12.43 -9.96
CA TYR A 179 35.99 11.39 -8.95
C TYR A 179 34.55 10.89 -8.91
N GLN A 180 34.40 9.59 -8.74
CA GLN A 180 33.06 9.06 -8.74
C GLN A 180 32.70 8.39 -7.43
N LEU A 181 31.40 8.17 -7.27
CA LEU A 181 30.85 7.49 -6.11
C LEU A 181 29.85 6.49 -6.63
N THR A 182 30.01 5.24 -6.21
CA THR A 182 29.10 4.18 -6.64
C THR A 182 28.82 3.30 -5.44
N ILE A 183 27.82 2.43 -5.58
CA ILE A 183 27.57 1.45 -4.54
C ILE A 183 27.21 0.14 -5.24
N ALA A 184 27.37 -0.96 -4.53
CA ALA A 184 26.94 -2.27 -5.03
C ALA A 184 25.53 -2.33 -4.47
N GLY A 185 24.52 -2.47 -5.32
CA GLY A 185 23.16 -2.53 -4.82
C GLY A 185 22.61 -3.95 -4.91
N ALA A 186 21.59 -4.24 -4.12
CA ALA A 186 21.00 -5.56 -4.15
C ALA A 186 20.46 -5.81 -5.54
N GLY A 187 20.54 -7.06 -5.99
CA GLY A 187 20.01 -7.40 -7.31
C GLY A 187 18.83 -8.36 -7.18
N GLY A 188 18.32 -8.49 -5.95
CA GLY A 188 17.22 -9.39 -5.66
C GLY A 188 16.24 -8.65 -4.77
N ALA A 189 14.95 -8.86 -4.98
CA ALA A 189 13.94 -8.16 -4.21
C ALA A 189 14.02 -8.22 -2.69
N PHE A 190 14.52 -9.31 -2.15
CA PHE A 190 14.55 -9.43 -0.71
C PHE A 190 15.42 -8.41 -0.03
N PHE A 191 16.68 -8.31 -0.43
CA PHE A 191 17.53 -7.32 0.19
C PHE A 191 17.16 -5.95 -0.32
N LEU A 192 16.76 -5.89 -1.59
CA LEU A 192 16.38 -4.61 -2.19
C LEU A 192 15.27 -3.94 -1.40
N SER A 193 14.32 -4.74 -0.91
CA SER A 193 13.18 -4.21 -0.17
C SER A 193 13.62 -3.39 1.05
N ARG A 194 14.84 -3.57 1.51
CA ARG A 194 15.32 -2.80 2.66
C ARG A 194 15.36 -1.30 2.41
N TYR A 195 15.78 -0.90 1.21
CA TYR A 195 15.93 0.53 0.91
C TYR A 195 15.24 0.95 -0.35
N TYR A 196 14.52 0.01 -0.94
CA TYR A 196 13.82 0.27 -2.19
C TYR A 196 13.03 1.55 -2.24
N SER A 197 12.27 1.84 -1.18
CA SER A 197 11.43 3.01 -1.19
C SER A 197 12.22 4.29 -1.36
N LYS A 198 13.51 4.28 -1.04
CA LYS A 198 14.31 5.50 -1.15
C LYS A 198 15.41 5.40 -2.21
N LEU A 199 15.18 4.53 -3.18
CA LEU A 199 16.12 4.34 -4.26
C LEU A 199 16.51 5.66 -4.94
N ALA A 200 15.54 6.53 -5.22
CA ALA A 200 15.89 7.77 -5.90
C ALA A 200 16.91 8.56 -5.10
N GLN A 201 16.70 8.67 -3.78
CA GLN A 201 17.62 9.40 -2.93
C GLN A 201 18.98 8.71 -2.85
N ILE A 202 18.98 7.39 -2.86
CA ILE A 202 20.24 6.68 -2.80
C ILE A 202 21.07 6.82 -4.07
N VAL A 203 20.40 6.80 -5.21
CA VAL A 203 21.07 6.86 -6.52
C VAL A 203 21.44 8.28 -6.93
N ALA A 204 20.71 9.26 -6.41
CA ALA A 204 20.99 10.67 -6.76
C ALA A 204 22.46 11.04 -6.59
N PRO A 205 23.10 10.67 -5.47
CA PRO A 205 24.51 11.07 -5.37
C PRO A 205 25.51 10.18 -6.10
N LEU A 206 25.01 9.13 -6.74
CA LEU A 206 25.91 8.19 -7.38
C LEU A 206 26.09 8.37 -8.88
N ASP A 207 27.24 7.92 -9.36
CA ASP A 207 27.46 7.90 -10.79
C ASP A 207 26.78 6.61 -11.24
N TYR A 208 26.88 5.58 -10.41
CA TYR A 208 26.27 4.27 -10.75
C TYR A 208 25.85 3.50 -9.54
N ILE A 209 24.80 2.70 -9.73
CA ILE A 209 24.40 1.73 -8.71
C ILE A 209 24.68 0.39 -9.45
N ASN A 210 25.64 -0.36 -8.92
CA ASN A 210 26.05 -1.64 -9.54
C ASN A 210 25.22 -2.74 -8.91
N LEU A 211 24.25 -3.23 -9.64
CA LEU A 211 23.36 -4.26 -9.11
C LEU A 211 23.98 -5.62 -9.10
N MET A 212 23.90 -6.27 -7.95
CA MET A 212 24.43 -7.62 -7.84
C MET A 212 23.32 -8.56 -8.33
N THR A 213 23.09 -8.45 -9.64
CA THR A 213 22.07 -9.22 -10.30
C THR A 213 22.57 -10.64 -10.58
N TYR A 214 22.93 -11.31 -9.50
CA TYR A 214 23.40 -12.68 -9.54
C TYR A 214 23.34 -13.17 -8.10
N ASP A 215 23.80 -14.38 -7.84
CA ASP A 215 23.60 -14.95 -6.51
C ASP A 215 22.09 -15.01 -6.27
N LEU A 216 21.29 -15.12 -7.33
CA LEU A 216 19.85 -15.18 -7.16
C LEU A 216 19.42 -16.64 -6.94
N ALA A 217 20.43 -17.50 -6.81
CA ALA A 217 20.24 -18.92 -6.56
C ALA A 217 21.51 -19.32 -5.84
N GLY A 218 21.40 -20.35 -5.03
CA GLY A 218 22.53 -20.84 -4.27
C GLY A 218 22.06 -21.99 -3.41
N PRO A 219 23.00 -22.69 -2.76
CA PRO A 219 22.67 -23.82 -1.88
C PRO A 219 21.82 -23.43 -0.70
N TRP A 220 21.68 -22.13 -0.46
CA TRP A 220 20.84 -21.66 0.63
C TRP A 220 19.36 -21.83 0.27
N GLU A 221 19.07 -22.08 -1.00
CA GLU A 221 17.69 -22.29 -1.50
C GLU A 221 17.48 -23.78 -1.68
N LYS A 222 16.27 -24.28 -1.40
CA LYS A 222 16.03 -25.72 -1.53
C LYS A 222 15.96 -26.29 -2.95
N VAL A 223 15.71 -25.45 -3.95
CA VAL A 223 15.62 -25.91 -5.33
C VAL A 223 16.73 -25.26 -6.16
N THR A 224 17.56 -26.07 -6.81
CA THR A 224 18.64 -25.51 -7.62
C THR A 224 17.99 -24.59 -8.65
N ASN A 225 18.70 -23.56 -9.07
CA ASN A 225 18.17 -22.61 -10.05
C ASN A 225 19.34 -21.84 -10.64
N HIS A 226 19.07 -21.09 -11.70
CA HIS A 226 20.11 -20.28 -12.31
C HIS A 226 20.35 -19.13 -11.36
N GLN A 227 21.59 -18.73 -11.18
CA GLN A 227 21.85 -17.66 -10.22
C GLN A 227 21.75 -16.29 -10.83
N ALA A 228 21.70 -16.22 -12.16
CA ALA A 228 21.64 -14.94 -12.83
C ALA A 228 20.84 -15.05 -14.11
N ALA A 229 19.67 -15.66 -14.03
CA ALA A 229 18.81 -15.80 -15.21
C ALA A 229 18.46 -14.40 -15.68
N LEU A 230 18.54 -14.18 -17.00
CA LEU A 230 18.23 -12.85 -17.49
C LEU A 230 16.72 -12.70 -17.43
N PHE A 231 16.02 -13.68 -17.99
CA PHE A 231 14.56 -13.71 -17.99
C PHE A 231 14.12 -14.95 -17.28
N GLY A 232 12.83 -15.03 -16.99
CA GLY A 232 12.33 -16.16 -16.23
C GLY A 232 11.97 -17.40 -17.01
N ASP A 233 12.01 -18.52 -16.31
CA ASP A 233 11.64 -19.82 -16.87
C ASP A 233 10.46 -20.26 -16.01
N ALA A 234 9.27 -20.30 -16.61
CA ALA A 234 8.07 -20.71 -15.86
C ALA A 234 8.28 -22.06 -15.12
N ALA A 235 9.19 -22.88 -15.62
CA ALA A 235 9.43 -24.16 -14.98
C ALA A 235 10.32 -24.01 -13.76
N GLY A 236 10.91 -22.83 -13.61
CA GLY A 236 11.77 -22.61 -12.47
C GLY A 236 11.02 -22.14 -11.25
N PRO A 237 11.66 -22.16 -10.09
CA PRO A 237 10.97 -21.71 -8.88
C PRO A 237 10.59 -20.23 -9.04
N THR A 238 9.68 -19.78 -8.19
CA THR A 238 9.28 -18.39 -8.22
C THR A 238 9.40 -17.96 -6.78
N PHE A 239 9.40 -16.65 -6.55
CA PHE A 239 9.61 -16.14 -5.22
C PHE A 239 8.63 -15.08 -4.83
N TYR A 240 8.53 -14.88 -3.53
CA TYR A 240 7.67 -13.87 -2.94
C TYR A 240 8.22 -12.53 -3.36
N ASN A 241 7.37 -11.61 -3.82
CA ASN A 241 7.89 -10.32 -4.25
C ASN A 241 7.95 -9.38 -3.06
N ALA A 242 9.09 -9.42 -2.38
CA ALA A 242 9.30 -8.64 -1.19
C ALA A 242 9.04 -7.15 -1.34
N LEU A 243 9.19 -6.63 -2.54
CA LEU A 243 9.00 -5.20 -2.74
C LEU A 243 7.59 -4.72 -2.42
N ARG A 244 6.60 -5.60 -2.52
CA ARG A 244 5.24 -5.17 -2.23
C ARG A 244 5.07 -4.85 -0.73
N GLU A 245 6.06 -5.22 0.06
CA GLU A 245 6.04 -4.96 1.50
C GLU A 245 6.97 -3.79 1.86
N ALA A 246 7.59 -3.17 0.85
CA ALA A 246 8.49 -2.05 1.14
C ALA A 246 7.66 -0.86 1.61
N ASN A 247 8.26 0.03 2.39
CA ASN A 247 7.54 1.19 2.90
C ASN A 247 7.38 2.28 1.85
N LEU A 248 6.57 1.98 0.86
CA LEU A 248 6.35 2.86 -0.27
C LEU A 248 5.21 3.83 -0.06
N GLY A 249 4.21 3.41 0.72
CA GLY A 249 3.07 4.28 0.94
C GLY A 249 2.11 4.18 -0.23
N TRP A 250 2.32 3.20 -1.12
CA TRP A 250 1.46 3.05 -2.28
C TRP A 250 0.16 2.34 -1.94
N SER A 251 -0.82 2.49 -2.83
CA SER A 251 -2.11 1.85 -2.67
C SER A 251 -2.00 0.39 -3.05
N TRP A 252 -3.04 -0.38 -2.73
CA TRP A 252 -3.02 -1.79 -3.10
C TRP A 252 -2.88 -1.98 -4.61
N GLU A 253 -3.60 -1.18 -5.40
CA GLU A 253 -3.50 -1.34 -6.84
C GLU A 253 -2.09 -1.03 -7.32
N GLU A 254 -1.48 0.00 -6.76
CA GLU A 254 -0.14 0.39 -7.18
C GLU A 254 0.87 -0.66 -6.84
N LEU A 255 0.76 -1.20 -5.62
CA LEU A 255 1.70 -2.22 -5.17
C LEU A 255 1.52 -3.46 -6.05
N THR A 256 0.26 -3.83 -6.28
CA THR A 256 -0.03 -5.00 -7.08
C THR A 256 0.48 -4.91 -8.51
N ARG A 257 0.25 -3.77 -9.14
CA ARG A 257 0.68 -3.68 -10.53
C ARG A 257 2.20 -3.58 -10.64
N ALA A 258 2.84 -3.16 -9.57
CA ALA A 258 4.29 -3.04 -9.61
C ALA A 258 4.97 -4.33 -9.20
N PHE A 259 4.34 -5.06 -8.28
CA PHE A 259 4.99 -6.22 -7.72
C PHE A 259 4.24 -7.52 -7.77
N PRO A 260 4.12 -8.09 -8.98
CA PRO A 260 3.44 -9.37 -9.12
C PRO A 260 4.15 -10.36 -8.21
N SER A 261 3.39 -11.20 -7.53
CA SER A 261 4.00 -12.18 -6.64
C SER A 261 3.18 -13.44 -6.70
N PRO A 262 3.83 -14.62 -6.78
CA PRO A 262 5.29 -14.77 -6.82
C PRO A 262 5.82 -14.34 -8.18
N PHE A 263 7.14 -14.23 -8.32
CA PHE A 263 7.72 -13.79 -9.59
C PHE A 263 9.05 -14.50 -9.79
N SER A 264 9.59 -14.36 -10.99
CA SER A 264 10.87 -14.98 -11.32
C SER A 264 11.99 -14.03 -10.94
N LEU A 265 12.81 -14.50 -10.03
CA LEU A 265 13.94 -13.75 -9.52
C LEU A 265 15.00 -13.75 -10.61
N THR A 266 14.98 -12.72 -11.45
CA THR A 266 15.89 -12.63 -12.58
C THR A 266 16.61 -11.29 -12.64
N VAL A 267 17.59 -11.18 -13.54
CA VAL A 267 18.31 -9.92 -13.76
C VAL A 267 17.32 -8.87 -14.25
N ASP A 268 16.47 -9.27 -15.20
CA ASP A 268 15.48 -8.38 -15.78
C ASP A 268 14.56 -7.86 -14.67
N ALA A 269 14.15 -8.73 -13.77
CA ALA A 269 13.29 -8.27 -12.67
C ALA A 269 13.98 -7.17 -11.89
N ALA A 270 15.23 -7.42 -11.48
CA ALA A 270 15.92 -6.42 -10.67
C ALA A 270 16.04 -5.10 -11.42
N VAL A 271 16.43 -5.17 -12.69
CA VAL A 271 16.57 -3.93 -13.44
C VAL A 271 15.23 -3.20 -13.55
N GLN A 272 14.18 -3.91 -13.95
CA GLN A 272 12.87 -3.27 -14.07
C GLN A 272 12.38 -2.71 -12.73
N GLN A 273 12.69 -3.40 -11.64
CA GLN A 273 12.27 -2.95 -10.31
C GLN A 273 12.90 -1.60 -10.01
N HIS A 274 14.16 -1.43 -10.41
CA HIS A 274 14.82 -0.14 -10.20
C HIS A 274 14.19 0.91 -11.13
N LEU A 275 13.94 0.54 -12.37
CA LEU A 275 13.37 1.47 -13.32
C LEU A 275 11.95 1.89 -12.96
N MET A 276 11.24 1.07 -12.18
CA MET A 276 9.86 1.42 -11.78
C MET A 276 9.83 2.58 -10.79
N MET A 277 10.96 2.89 -10.19
CA MET A 277 11.01 3.98 -9.23
C MET A 277 11.32 5.30 -9.92
N GLU A 278 10.50 6.30 -9.64
CA GLU A 278 10.72 7.58 -10.28
C GLU A 278 12.02 8.13 -9.75
N GLY A 279 12.75 8.84 -10.61
CA GLY A 279 14.00 9.42 -10.18
C GLY A 279 15.19 8.49 -10.26
N VAL A 280 15.01 7.29 -10.80
CA VAL A 280 16.14 6.35 -10.94
C VAL A 280 16.42 6.25 -12.43
N PRO A 281 17.47 6.94 -12.90
CA PRO A 281 17.77 6.90 -14.33
C PRO A 281 18.44 5.62 -14.77
N SER A 282 18.01 5.11 -15.90
CA SER A 282 18.54 3.85 -16.43
C SER A 282 20.06 3.96 -16.60
N ALA A 283 20.56 5.15 -16.97
CA ALA A 283 22.00 5.35 -17.17
C ALA A 283 22.86 5.12 -15.93
N LYS A 284 22.25 5.16 -14.75
CA LYS A 284 23.04 4.91 -13.53
C LYS A 284 22.96 3.43 -13.11
N ILE A 285 22.08 2.71 -13.74
CA ILE A 285 21.91 1.31 -13.39
C ILE A 285 22.94 0.49 -14.11
N VAL A 286 23.72 -0.26 -13.36
CA VAL A 286 24.73 -1.09 -13.94
C VAL A 286 24.37 -2.52 -13.62
N MET A 287 24.39 -3.35 -14.64
CA MET A 287 24.03 -4.74 -14.44
C MET A 287 25.23 -5.55 -13.99
N GLY A 288 25.14 -6.16 -12.83
CA GLY A 288 26.24 -6.98 -12.39
C GLY A 288 26.13 -8.38 -13.01
N VAL A 289 27.27 -9.00 -13.28
CA VAL A 289 27.28 -10.37 -13.81
C VAL A 289 28.38 -11.10 -13.03
N PRO A 290 28.18 -12.40 -12.77
CA PRO A 290 29.20 -13.15 -12.04
C PRO A 290 30.22 -13.78 -13.00
N PHE A 291 31.49 -13.79 -12.60
CA PHE A 291 32.53 -14.45 -13.41
C PHE A 291 32.78 -15.79 -12.73
N TYR A 292 31.82 -16.23 -11.93
CA TYR A 292 31.93 -17.52 -11.23
C TYR A 292 30.58 -18.21 -11.28
N GLY A 293 30.59 -19.51 -11.00
CA GLY A 293 29.35 -20.23 -10.96
C GLY A 293 29.15 -20.76 -9.56
N ARG A 294 27.92 -21.20 -9.27
CA ARG A 294 27.61 -21.78 -7.98
C ARG A 294 27.19 -23.22 -8.26
N ALA A 295 27.74 -24.14 -7.47
CA ALA A 295 27.46 -25.56 -7.68
C ALA A 295 26.66 -26.21 -6.58
N PHE A 296 25.89 -27.22 -6.96
CA PHE A 296 25.06 -27.96 -6.04
C PHE A 296 25.34 -29.46 -6.25
N LYS A 297 25.20 -30.25 -5.19
CA LYS A 297 25.37 -31.70 -5.29
C LYS A 297 24.07 -32.35 -4.84
N GLY A 298 23.96 -33.67 -5.06
CA GLY A 298 22.75 -34.38 -4.67
C GLY A 298 21.55 -34.03 -5.52
N VAL A 299 21.79 -33.55 -6.73
CA VAL A 299 20.69 -33.16 -7.61
C VAL A 299 20.22 -34.36 -8.41
N SER A 300 18.94 -34.34 -8.75
CA SER A 300 18.30 -35.40 -9.51
C SER A 300 18.47 -35.11 -10.99
N GLY A 301 18.30 -36.15 -11.80
CA GLY A 301 18.41 -35.97 -13.24
C GLY A 301 17.04 -35.65 -13.77
N GLY A 302 16.92 -35.42 -15.07
CA GLY A 302 15.61 -35.13 -15.64
C GLY A 302 15.61 -33.81 -16.38
N ASN A 303 16.05 -32.75 -15.69
CA ASN A 303 16.09 -31.46 -16.35
C ASN A 303 17.50 -30.91 -16.21
N GLY A 304 18.47 -31.79 -16.41
CA GLY A 304 19.87 -31.38 -16.35
C GLY A 304 20.30 -30.79 -15.02
N GLY A 305 19.60 -31.16 -13.95
CA GLY A 305 19.97 -30.66 -12.64
C GLY A 305 19.22 -29.39 -12.27
N GLN A 306 18.51 -28.81 -13.22
CA GLN A 306 17.75 -27.60 -12.93
C GLN A 306 16.53 -27.87 -12.11
N TYR A 307 16.25 -26.96 -11.19
CA TYR A 307 15.07 -27.02 -10.38
C TYR A 307 14.91 -28.32 -9.63
N SER A 308 16.03 -28.83 -9.12
CA SER A 308 16.04 -30.08 -8.39
C SER A 308 16.33 -29.85 -6.93
N SER A 309 15.90 -30.80 -6.10
CA SER A 309 16.18 -30.77 -4.68
C SER A 309 17.67 -31.08 -4.70
N HIS A 310 18.36 -30.84 -3.61
CA HIS A 310 19.79 -31.10 -3.59
C HIS A 310 20.25 -31.28 -2.16
N SER A 311 21.51 -31.66 -1.99
CA SER A 311 22.04 -31.88 -0.65
C SER A 311 23.28 -31.02 -0.40
N THR A 312 23.28 -29.82 -0.97
CA THR A 312 24.40 -28.92 -0.82
C THR A 312 24.27 -28.15 0.48
N PRO A 313 25.33 -28.12 1.30
CA PRO A 313 25.28 -27.39 2.57
C PRO A 313 25.12 -25.91 2.23
N GLY A 314 24.36 -25.18 3.06
CA GLY A 314 24.17 -23.77 2.83
C GLY A 314 25.06 -22.92 3.72
N GLU A 315 25.64 -23.56 4.75
CA GLU A 315 26.51 -22.86 5.70
C GLU A 315 27.71 -22.19 5.05
N ASP A 316 28.16 -21.11 5.69
CA ASP A 316 29.31 -20.34 5.26
C ASP A 316 30.14 -20.08 6.51
N PRO A 317 31.42 -20.47 6.51
CA PRO A 317 32.14 -21.14 5.41
C PRO A 317 31.75 -22.61 5.25
N TYR A 318 32.18 -23.21 4.15
CA TYR A 318 31.86 -24.61 3.88
C TYR A 318 32.23 -25.41 5.14
N PRO A 319 31.24 -26.12 5.73
CA PRO A 319 31.44 -26.90 6.96
C PRO A 319 32.04 -28.30 6.83
N SER A 320 32.83 -28.55 5.79
CA SER A 320 33.41 -29.87 5.65
C SER A 320 34.65 -29.77 4.79
N THR A 321 35.33 -30.90 4.62
CA THR A 321 36.54 -30.94 3.81
C THR A 321 36.28 -31.77 2.56
N ASP A 322 35.02 -32.14 2.38
CA ASP A 322 34.58 -32.92 1.22
C ASP A 322 34.42 -31.98 0.02
N TYR A 323 35.42 -31.95 -0.85
CA TYR A 323 35.38 -31.12 -2.04
C TYR A 323 34.90 -31.96 -3.20
N TRP A 324 33.58 -32.07 -3.30
CA TRP A 324 32.91 -32.89 -4.30
C TRP A 324 32.73 -32.30 -5.68
N LEU A 325 33.19 -31.06 -5.91
CA LEU A 325 33.04 -30.50 -7.22
C LEU A 325 34.17 -31.08 -8.05
N VAL A 326 33.87 -32.18 -8.72
CA VAL A 326 34.87 -32.87 -9.52
C VAL A 326 35.64 -32.02 -10.51
N GLY A 327 36.96 -32.06 -10.40
CA GLY A 327 37.79 -31.32 -11.32
C GLY A 327 38.02 -29.89 -10.90
N CYS A 328 37.41 -29.47 -9.80
CA CYS A 328 37.59 -28.09 -9.38
C CYS A 328 38.74 -27.95 -8.38
N GLU A 329 39.92 -27.68 -8.92
CA GLU A 329 41.13 -27.53 -8.11
C GLU A 329 41.08 -26.24 -7.31
N GLU A 330 40.60 -25.17 -7.92
CA GLU A 330 40.49 -23.90 -7.21
C GLU A 330 39.60 -24.09 -5.99
N CYS A 331 38.62 -24.98 -6.09
CA CYS A 331 37.72 -25.24 -4.97
C CYS A 331 38.46 -25.83 -3.80
N VAL A 332 39.49 -26.62 -4.11
CA VAL A 332 40.30 -27.22 -3.07
C VAL A 332 41.11 -26.11 -2.43
N ARG A 333 41.73 -25.31 -3.28
CA ARG A 333 42.54 -24.15 -2.83
C ARG A 333 41.70 -23.26 -1.92
N ASP A 334 40.42 -23.12 -2.24
CA ASP A 334 39.54 -22.25 -1.45
C ASP A 334 38.65 -22.97 -0.46
N LYS A 335 38.77 -24.29 -0.38
CA LYS A 335 38.01 -25.10 0.55
C LYS A 335 36.51 -24.90 0.48
N ASP A 336 35.97 -24.92 -0.74
CA ASP A 336 34.54 -24.75 -0.96
C ASP A 336 34.21 -25.20 -2.37
N PRO A 337 33.48 -26.31 -2.50
CA PRO A 337 33.10 -26.86 -3.81
C PRO A 337 31.82 -26.22 -4.39
N ARG A 338 31.23 -25.28 -3.68
CA ARG A 338 29.99 -24.64 -4.14
C ARG A 338 30.17 -23.39 -4.99
N ILE A 339 31.40 -22.97 -5.19
CA ILE A 339 31.67 -21.80 -6.04
C ILE A 339 32.90 -22.06 -6.87
N ALA A 340 32.78 -21.82 -8.16
CA ALA A 340 33.90 -22.05 -9.07
C ALA A 340 33.98 -20.92 -10.07
N SER A 341 35.18 -20.44 -10.28
CA SER A 341 35.41 -19.37 -11.22
C SER A 341 35.10 -19.83 -12.63
N TYR A 342 34.77 -18.89 -13.50
CA TYR A 342 34.53 -19.25 -14.88
C TYR A 342 35.81 -19.90 -15.41
N ARG A 343 36.96 -19.41 -14.94
CA ARG A 343 38.23 -19.97 -15.41
C ARG A 343 38.26 -21.46 -15.13
N GLN A 344 37.93 -21.82 -13.90
CA GLN A 344 37.93 -23.20 -13.46
C GLN A 344 36.86 -24.03 -14.16
N LEU A 345 35.67 -23.47 -14.30
CA LEU A 345 34.59 -24.20 -14.96
C LEU A 345 34.99 -24.53 -16.40
N GLU A 346 35.61 -23.57 -17.07
CA GLU A 346 36.01 -23.79 -18.45
C GLU A 346 36.98 -24.97 -18.51
N GLN A 347 37.93 -24.99 -17.60
CA GLN A 347 38.90 -26.06 -17.54
C GLN A 347 38.25 -27.37 -17.11
N MET A 348 37.19 -27.29 -16.31
CA MET A 348 36.50 -28.49 -15.87
C MET A 348 35.76 -29.11 -17.05
N LEU A 349 35.20 -28.24 -17.89
CA LEU A 349 34.47 -28.67 -19.07
C LEU A 349 35.35 -29.35 -20.09
N GLN A 350 36.58 -28.88 -20.22
CA GLN A 350 37.49 -29.45 -21.19
C GLN A 350 38.44 -30.48 -20.59
N GLY A 351 38.16 -30.91 -19.37
CA GLY A 351 39.00 -31.90 -18.73
C GLY A 351 38.36 -33.28 -18.70
N ASN A 352 37.17 -33.42 -19.28
CA ASN A 352 36.49 -34.72 -19.31
C ASN A 352 36.30 -35.22 -17.88
N TYR A 353 35.68 -34.39 -17.06
CA TYR A 353 35.43 -34.76 -15.68
C TYR A 353 34.00 -35.20 -15.56
N GLY A 354 33.34 -35.36 -16.70
CA GLY A 354 31.97 -35.81 -16.69
C GLY A 354 30.89 -34.75 -16.73
N TYR A 355 31.26 -33.50 -17.04
CA TYR A 355 30.29 -32.40 -17.09
C TYR A 355 29.75 -32.18 -18.49
N GLN A 356 28.47 -31.81 -18.56
CA GLN A 356 27.84 -31.47 -19.81
C GLN A 356 27.49 -29.99 -19.69
N ARG A 357 27.69 -29.21 -20.74
CA ARG A 357 27.28 -27.82 -20.67
C ARG A 357 25.95 -27.75 -21.36
N LEU A 358 24.94 -27.31 -20.62
CA LEU A 358 23.62 -27.19 -21.16
C LEU A 358 23.27 -25.71 -21.24
N TRP A 359 22.18 -25.43 -21.94
CA TRP A 359 21.76 -24.07 -22.12
C TRP A 359 20.27 -23.91 -21.87
N ASN A 360 19.90 -22.94 -21.04
CA ASN A 360 18.48 -22.73 -20.84
C ASN A 360 18.20 -21.53 -21.72
N ASP A 361 17.38 -21.74 -22.75
CA ASP A 361 17.12 -20.65 -23.67
C ASP A 361 16.10 -19.61 -23.23
N LYS A 362 15.49 -19.83 -22.08
CA LYS A 362 14.52 -18.87 -21.53
C LYS A 362 15.30 -17.87 -20.67
N THR A 363 16.13 -18.43 -19.79
CA THR A 363 16.96 -17.63 -18.87
C THR A 363 18.18 -17.07 -19.60
N LYS A 364 18.50 -17.68 -20.75
CA LYS A 364 19.67 -17.29 -21.55
C LYS A 364 20.95 -17.43 -20.75
N THR A 365 21.04 -18.52 -20.01
CA THR A 365 22.24 -18.79 -19.21
C THR A 365 22.63 -20.25 -19.36
N PRO A 366 23.94 -20.53 -19.23
CA PRO A 366 24.42 -21.90 -19.35
C PRO A 366 24.43 -22.51 -17.97
N TYR A 367 24.54 -23.84 -17.94
CA TYR A 367 24.68 -24.56 -16.71
C TYR A 367 25.40 -25.85 -17.01
N LEU A 368 26.09 -26.36 -16.00
CA LEU A 368 26.80 -27.61 -16.14
C LEU A 368 25.99 -28.67 -15.42
N TYR A 369 25.99 -29.87 -15.99
CA TYR A 369 25.32 -30.98 -15.35
C TYR A 369 26.31 -32.14 -15.33
N HIS A 370 26.52 -32.72 -14.15
CA HIS A 370 27.42 -33.87 -14.03
C HIS A 370 26.49 -35.02 -13.70
N ALA A 371 26.04 -35.73 -14.73
CA ALA A 371 25.11 -36.84 -14.57
C ALA A 371 25.61 -37.93 -13.62
N GLN A 372 26.86 -38.34 -13.78
CA GLN A 372 27.41 -39.39 -12.93
C GLN A 372 27.39 -39.09 -11.42
N ASN A 373 27.76 -37.87 -11.02
CA ASN A 373 27.76 -37.56 -9.58
C ASN A 373 26.59 -36.68 -9.11
N GLY A 374 25.69 -36.32 -10.02
CA GLY A 374 24.55 -35.50 -9.65
C GLY A 374 24.93 -34.09 -9.22
N LEU A 375 25.73 -33.43 -10.05
CA LEU A 375 26.16 -32.05 -9.74
C LEU A 375 25.51 -31.08 -10.73
N PHE A 376 25.22 -29.88 -10.24
CA PHE A 376 24.61 -28.82 -11.04
C PHE A 376 25.38 -27.54 -10.76
N VAL A 377 25.74 -26.82 -11.82
CA VAL A 377 26.46 -25.57 -11.68
C VAL A 377 25.80 -24.48 -12.53
N THR A 378 25.44 -23.38 -11.89
CA THR A 378 24.85 -22.29 -12.64
C THR A 378 25.95 -21.22 -12.75
N TYR A 379 26.19 -20.75 -13.97
CA TYR A 379 27.22 -19.76 -14.18
C TYR A 379 26.87 -18.95 -15.39
N ASP A 380 27.76 -18.02 -15.74
CA ASP A 380 27.59 -17.19 -16.92
C ASP A 380 28.82 -17.33 -17.79
N ASP A 381 28.66 -17.09 -19.07
CA ASP A 381 29.78 -17.17 -19.98
C ASP A 381 29.59 -16.14 -21.10
N ALA A 382 30.46 -16.16 -22.10
CA ALA A 382 30.38 -15.18 -23.18
C ALA A 382 29.08 -15.23 -23.95
N GLU A 383 28.41 -16.37 -23.92
CA GLU A 383 27.16 -16.48 -24.63
C GLU A 383 26.06 -15.78 -23.81
N SER A 384 25.96 -16.08 -22.53
CA SER A 384 24.91 -15.42 -21.77
C SER A 384 25.18 -13.92 -21.77
N PHE A 385 26.44 -13.53 -21.85
CA PHE A 385 26.76 -12.11 -21.86
C PHE A 385 26.25 -11.43 -23.12
N LYS A 386 26.02 -12.19 -24.20
CA LYS A 386 25.47 -11.53 -25.37
C LYS A 386 24.11 -10.94 -25.07
N TYR A 387 23.25 -11.74 -24.45
CA TYR A 387 21.89 -11.31 -24.14
C TYR A 387 21.93 -10.22 -23.09
N LYS A 388 22.79 -10.39 -22.09
CA LYS A 388 22.88 -9.36 -21.08
C LYS A 388 23.39 -8.04 -21.63
N ALA A 389 24.41 -8.09 -22.51
CA ALA A 389 24.92 -6.88 -23.09
C ALA A 389 23.83 -6.26 -23.97
N LYS A 390 23.07 -7.08 -24.68
CA LYS A 390 22.04 -6.48 -25.54
C LYS A 390 20.98 -5.82 -24.66
N TYR A 391 20.64 -6.47 -23.56
CA TYR A 391 19.66 -5.93 -22.61
C TYR A 391 20.14 -4.58 -22.08
N ILE A 392 21.42 -4.52 -21.71
CA ILE A 392 22.03 -3.31 -21.20
C ILE A 392 21.88 -2.20 -22.23
N LYS A 393 22.08 -2.54 -23.51
CA LYS A 393 21.95 -1.54 -24.55
C LYS A 393 20.49 -1.17 -24.78
N GLN A 394 19.63 -2.16 -24.89
CA GLN A 394 18.20 -1.91 -25.12
C GLN A 394 17.57 -1.09 -24.00
N GLN A 395 17.91 -1.41 -22.75
CA GLN A 395 17.32 -0.74 -21.59
C GLN A 395 18.08 0.53 -21.23
N GLN A 396 19.09 0.87 -22.00
CA GLN A 396 19.87 2.08 -21.76
C GLN A 396 20.50 2.14 -20.37
N LEU A 397 21.02 1.00 -19.93
CA LEU A 397 21.66 0.95 -18.62
C LEU A 397 23.06 1.55 -18.76
N GLY A 398 23.66 1.83 -17.61
CA GLY A 398 24.98 2.44 -17.60
C GLY A 398 26.09 1.52 -18.04
N GLY A 399 25.89 0.22 -17.85
CA GLY A 399 26.93 -0.72 -18.20
C GLY A 399 26.85 -2.00 -17.41
N VAL A 400 28.02 -2.60 -17.24
CA VAL A 400 28.12 -3.89 -16.56
C VAL A 400 29.18 -3.86 -15.45
N MET A 401 28.93 -4.66 -14.43
CA MET A 401 29.88 -4.79 -13.35
C MET A 401 30.06 -6.27 -13.17
N PHE A 402 31.26 -6.70 -12.76
CA PHE A 402 31.43 -8.09 -12.50
C PHE A 402 32.39 -8.36 -11.38
N TRP A 403 32.13 -9.49 -10.74
CA TRP A 403 32.97 -10.00 -9.68
C TRP A 403 33.42 -11.37 -10.20
N HIS A 404 34.73 -11.61 -10.33
CA HIS A 404 35.77 -10.60 -10.19
C HIS A 404 36.82 -10.96 -11.22
N LEU A 405 37.68 -10.00 -11.54
CA LEU A 405 38.72 -10.16 -12.54
C LEU A 405 39.54 -11.46 -12.48
N GLY A 406 39.85 -11.91 -11.28
CA GLY A 406 40.66 -13.09 -11.14
C GLY A 406 39.97 -14.36 -11.61
N GLN A 407 38.67 -14.26 -11.86
CA GLN A 407 37.92 -15.43 -12.25
C GLN A 407 37.69 -15.60 -13.74
N ASP A 408 38.09 -14.60 -14.52
CA ASP A 408 37.97 -14.69 -15.97
C ASP A 408 39.08 -15.70 -16.33
N ASN A 409 39.03 -16.33 -17.51
CA ASN A 409 40.11 -17.25 -17.87
C ASN A 409 41.37 -16.44 -18.17
N ARG A 410 42.50 -17.11 -18.45
CA ARG A 410 43.74 -16.39 -18.69
C ARG A 410 43.72 -15.44 -19.85
N ASN A 411 42.97 -15.77 -20.89
CA ASN A 411 42.89 -14.88 -22.05
C ASN A 411 41.94 -13.71 -21.80
N GLY A 412 41.30 -13.71 -20.64
CA GLY A 412 40.37 -12.64 -20.32
C GLY A 412 39.20 -12.64 -21.31
N ASP A 413 38.72 -13.81 -21.66
CA ASP A 413 37.63 -13.90 -22.61
C ASP A 413 36.31 -13.27 -22.14
N LEU A 414 35.93 -13.45 -20.88
CA LEU A 414 34.66 -12.89 -20.44
C LEU A 414 34.70 -11.36 -20.54
N LEU A 415 35.77 -10.76 -20.04
CA LEU A 415 35.90 -9.31 -20.15
C LEU A 415 35.97 -8.87 -21.61
N ALA A 416 36.74 -9.60 -22.43
CA ALA A 416 36.85 -9.22 -23.83
C ALA A 416 35.50 -9.31 -24.51
N ALA A 417 34.70 -10.30 -24.12
CA ALA A 417 33.35 -10.47 -24.67
C ALA A 417 32.48 -9.25 -24.34
N LEU A 418 32.46 -8.85 -23.07
CA LEU A 418 31.66 -7.70 -22.69
C LEU A 418 32.08 -6.48 -23.47
N ASP A 419 33.39 -6.26 -23.55
CA ASP A 419 33.88 -5.11 -24.28
C ASP A 419 33.48 -5.19 -25.76
N ARG A 420 33.57 -6.40 -26.29
CA ARG A 420 33.22 -6.63 -27.71
C ARG A 420 31.75 -6.29 -27.94
N TYR A 421 30.90 -6.84 -27.09
CA TYR A 421 29.46 -6.61 -27.28
C TYR A 421 29.04 -5.15 -27.22
N PHE A 422 29.76 -4.36 -26.43
CA PHE A 422 29.44 -2.95 -26.33
C PHE A 422 30.13 -2.07 -27.35
N ASN A 423 31.38 -2.43 -27.67
CA ASN A 423 32.20 -1.59 -28.52
C ASN A 423 32.75 -2.10 -29.84
N ALA A 424 32.73 -3.40 -30.08
CA ALA A 424 33.32 -3.88 -31.33
C ALA A 424 32.53 -3.46 -32.58
N ALA A 425 33.25 -2.85 -33.50
CA ALA A 425 32.65 -2.41 -34.76
C ALA A 425 32.22 -3.64 -35.53
N ASP A 426 32.90 -4.77 -35.32
CA ASP A 426 32.50 -5.97 -36.06
C ASP A 426 31.57 -6.92 -35.34
N TYR A 427 30.91 -6.43 -34.28
CA TYR A 427 29.94 -7.25 -33.57
C TYR A 427 28.57 -6.63 -33.80
N ASP A 428 27.62 -7.45 -34.23
CA ASP A 428 26.31 -6.95 -34.53
C ASP A 428 25.25 -7.84 -33.91
N ASP A 429 24.67 -7.38 -32.82
CA ASP A 429 23.64 -8.17 -32.15
C ASP A 429 22.22 -7.72 -32.51
N SER A 430 22.06 -7.02 -33.63
CA SER A 430 20.73 -6.56 -34.04
C SER A 430 19.70 -7.70 -34.15
N GLN A 431 20.14 -8.90 -34.50
CA GLN A 431 19.20 -9.99 -34.60
C GLN A 431 19.33 -11.01 -33.49
N LEU A 432 20.06 -10.69 -32.43
CA LEU A 432 20.20 -11.62 -31.31
C LEU A 432 18.80 -11.86 -30.75
N ASP A 433 18.40 -13.12 -30.69
CA ASP A 433 17.07 -13.52 -30.22
C ASP A 433 17.02 -13.45 -28.70
N MET A 434 16.33 -12.46 -28.16
CA MET A 434 16.26 -12.33 -26.68
C MET A 434 15.36 -13.37 -26.04
N GLY A 435 14.74 -14.21 -26.86
CA GLY A 435 13.94 -15.30 -26.34
C GLY A 435 12.59 -14.94 -25.79
N THR A 436 11.93 -15.95 -25.26
CA THR A 436 10.59 -15.82 -24.73
C THR A 436 10.53 -16.07 -23.23
N GLY A 437 11.67 -15.91 -22.55
CA GLY A 437 11.70 -16.09 -21.13
C GLY A 437 10.76 -15.05 -20.56
N LEU A 438 10.30 -15.29 -19.33
CA LEU A 438 9.37 -14.36 -18.69
C LEU A 438 9.98 -13.01 -18.37
N ARG A 439 9.36 -11.95 -18.87
CA ARG A 439 9.81 -10.60 -18.56
C ARG A 439 9.09 -10.18 -17.30
N TYR A 440 9.71 -9.29 -16.53
CA TYR A 440 9.08 -8.79 -15.31
C TYR A 440 8.10 -7.76 -15.83
N THR A 441 6.82 -7.90 -15.48
CA THR A 441 5.84 -6.96 -16.01
C THR A 441 5.33 -5.86 -15.11
N GLY A 442 5.93 -5.72 -13.94
CA GLY A 442 5.46 -4.70 -13.03
C GLY A 442 5.57 -3.31 -13.62
N VAL A 443 4.66 -2.44 -13.22
CA VAL A 443 4.69 -1.06 -13.67
C VAL A 443 4.62 -0.19 -12.41
N GLY A 444 5.47 0.82 -12.35
CA GLY A 444 5.47 1.71 -11.20
C GLY A 444 5.53 3.16 -11.67
N PRO A 445 5.65 4.12 -10.74
CA PRO A 445 5.72 5.57 -11.00
C PRO A 445 6.78 6.00 -12.03
N GLY A 446 7.94 5.35 -11.96
CA GLY A 446 9.03 5.68 -12.86
C GLY A 446 8.96 5.10 -14.26
N ASN A 447 8.13 4.09 -14.49
CA ASN A 447 8.06 3.53 -15.83
C ASN A 447 6.66 3.43 -16.39
N LEU A 448 5.84 4.42 -16.09
CA LEU A 448 4.47 4.43 -16.61
C LEU A 448 4.50 4.59 -18.14
N PRO A 449 3.61 3.90 -18.85
CA PRO A 449 3.60 4.03 -20.31
C PRO A 449 3.09 5.41 -20.70
N ILE A 450 3.49 5.85 -21.89
CA ILE A 450 3.06 7.14 -22.41
C ILE A 450 1.60 6.97 -22.75
N MET A 451 0.78 7.93 -22.37
CA MET A 451 -0.63 7.83 -22.66
C MET A 451 -1.24 9.18 -22.95
N THR A 452 -2.43 9.17 -23.50
CA THR A 452 -3.15 10.40 -23.80
C THR A 452 -4.56 10.19 -23.29
N ALA A 453 -5.19 11.28 -22.88
CA ALA A 453 -6.56 11.22 -22.39
C ALA A 453 -7.08 12.65 -22.31
N PRO A 454 -8.40 12.82 -22.41
CA PRO A 454 -8.99 14.16 -22.33
C PRO A 454 -8.64 14.76 -20.97
N ALA A 455 -8.43 16.07 -20.94
CA ALA A 455 -8.12 16.72 -19.70
C ALA A 455 -9.23 16.44 -18.70
N TYR A 456 -8.84 16.35 -17.43
CA TYR A 456 -9.81 16.14 -16.37
C TYR A 456 -10.56 17.48 -16.28
N VAL A 457 -11.87 17.41 -16.05
CA VAL A 457 -12.69 18.62 -15.94
C VAL A 457 -13.35 18.70 -14.58
N PRO A 458 -12.91 19.64 -13.72
CA PRO A 458 -13.55 19.73 -12.40
C PRO A 458 -15.04 19.94 -12.58
N GLY A 459 -15.84 19.27 -11.75
CA GLY A 459 -17.28 19.42 -11.84
C GLY A 459 -17.89 18.25 -12.57
N THR A 460 -17.06 17.47 -13.26
CA THR A 460 -17.54 16.31 -14.00
C THR A 460 -17.59 15.06 -13.13
N THR A 461 -18.54 14.18 -13.41
CA THR A 461 -18.67 12.93 -12.67
C THR A 461 -18.21 11.84 -13.62
N TYR A 462 -17.22 11.09 -13.20
CA TYR A 462 -16.66 10.05 -14.04
C TYR A 462 -17.08 8.67 -13.63
N ALA A 463 -17.39 7.85 -14.63
CA ALA A 463 -17.78 6.47 -14.42
C ALA A 463 -16.50 5.65 -14.22
N GLN A 464 -16.69 4.40 -13.77
CA GLN A 464 -15.57 3.51 -13.54
C GLN A 464 -14.80 3.26 -14.85
N GLY A 465 -13.48 3.25 -14.75
CA GLY A 465 -12.65 3.00 -15.92
C GLY A 465 -12.35 4.25 -16.74
N ALA A 466 -13.00 5.38 -16.41
CA ALA A 466 -12.74 6.60 -17.16
C ALA A 466 -11.28 7.00 -17.10
N LEU A 467 -10.79 7.58 -18.20
CA LEU A 467 -9.40 8.02 -18.27
C LEU A 467 -9.33 9.52 -18.46
N VAL A 468 -8.45 10.20 -17.74
CA VAL A 468 -8.28 11.64 -17.91
C VAL A 468 -6.82 11.98 -17.69
N SER A 469 -6.41 13.13 -18.20
CA SER A 469 -5.04 13.57 -17.98
C SER A 469 -5.14 14.68 -16.92
N TYR A 470 -4.20 14.68 -16.00
CA TYR A 470 -4.20 15.70 -14.97
C TYR A 470 -2.78 15.76 -14.43
N GLN A 471 -2.26 16.98 -14.32
CA GLN A 471 -0.92 17.20 -13.80
C GLN A 471 0.14 16.33 -14.49
N GLY A 472 0.00 16.22 -15.81
CA GLY A 472 0.96 15.48 -16.59
C GLY A 472 0.86 13.97 -16.63
N TYR A 473 -0.13 13.40 -15.93
CA TYR A 473 -0.29 11.96 -15.96
C TYR A 473 -1.68 11.62 -16.46
N VAL A 474 -1.87 10.37 -16.84
CA VAL A 474 -3.18 9.93 -17.25
C VAL A 474 -3.63 9.09 -16.05
N TRP A 475 -4.87 9.29 -15.63
CA TRP A 475 -5.42 8.59 -14.48
C TRP A 475 -6.68 7.82 -14.86
N GLN A 476 -6.96 6.75 -14.13
CA GLN A 476 -8.14 5.95 -14.37
C GLN A 476 -8.93 5.78 -13.08
N THR A 477 -10.24 5.88 -13.18
CA THR A 477 -11.05 5.72 -11.98
C THR A 477 -11.20 4.23 -11.65
N LYS A 478 -11.18 3.90 -10.36
CA LYS A 478 -11.28 2.51 -9.92
C LYS A 478 -12.71 2.10 -9.63
N TRP A 479 -13.60 3.09 -9.54
CA TRP A 479 -15.02 2.83 -9.36
C TRP A 479 -15.78 3.99 -9.98
N GLY A 480 -17.10 4.02 -9.84
CA GLY A 480 -17.88 5.07 -10.48
C GLY A 480 -18.38 6.24 -9.64
N TYR A 481 -19.05 7.16 -10.31
CA TYR A 481 -19.59 8.38 -9.70
C TYR A 481 -18.46 9.17 -9.03
N ILE A 482 -17.34 9.29 -9.74
CA ILE A 482 -16.21 10.02 -9.22
C ILE A 482 -16.39 11.51 -9.45
N THR A 483 -16.47 12.25 -8.37
CA THR A 483 -16.68 13.69 -8.46
C THR A 483 -15.47 14.45 -8.03
N SER A 484 -14.44 13.72 -7.62
CA SER A 484 -13.25 14.40 -7.20
C SER A 484 -12.13 14.31 -8.21
N ALA A 485 -11.08 15.07 -7.97
CA ALA A 485 -9.96 15.14 -8.90
C ALA A 485 -8.89 14.12 -8.66
N PRO A 486 -8.21 13.73 -9.74
CA PRO A 486 -7.13 12.74 -9.62
C PRO A 486 -6.14 13.32 -8.61
N GLY A 487 -5.63 12.48 -7.71
CA GLY A 487 -4.67 12.97 -6.73
C GLY A 487 -5.29 13.57 -5.48
N SER A 488 -6.60 13.76 -5.48
CA SER A 488 -7.27 14.32 -4.31
C SER A 488 -8.24 13.27 -3.82
N ASP A 489 -8.50 12.32 -4.71
CA ASP A 489 -9.46 11.24 -4.53
C ASP A 489 -8.74 9.91 -4.70
N SER A 490 -8.85 9.04 -3.70
CA SER A 490 -8.22 7.73 -3.77
C SER A 490 -8.92 6.83 -4.80
N ALA A 491 -9.89 7.39 -5.51
CA ALA A 491 -10.61 6.65 -6.53
C ALA A 491 -9.86 6.62 -7.85
N TRP A 492 -8.81 7.43 -7.97
CA TRP A 492 -8.02 7.54 -9.20
C TRP A 492 -6.70 6.77 -9.12
N LEU A 493 -6.34 6.12 -10.20
CA LEU A 493 -5.08 5.38 -10.25
C LEU A 493 -4.22 6.02 -11.33
N LYS A 494 -3.00 6.43 -11.01
CA LYS A 494 -2.15 7.00 -12.05
C LYS A 494 -1.81 5.79 -12.94
N VAL A 495 -2.14 5.84 -14.24
CA VAL A 495 -1.85 4.71 -15.14
C VAL A 495 -0.93 5.04 -16.32
N GLY A 496 -0.70 6.32 -16.58
CA GLY A 496 0.15 6.70 -17.71
C GLY A 496 0.74 8.07 -17.50
N ARG A 497 1.73 8.45 -18.32
CA ARG A 497 2.32 9.76 -18.20
C ARG A 497 2.13 10.59 -19.45
N VAL A 498 2.23 11.91 -19.27
CA VAL A 498 2.11 12.87 -20.35
C VAL A 498 0.70 12.83 -20.91
N ALA A 499 0.49 12.11 -21.92
N THR B 3 -25.40 0.59 29.64
CA THR B 3 -25.60 1.96 29.05
C THR B 3 -26.68 1.92 27.97
N ARG B 4 -27.62 2.84 28.07
CA ARG B 4 -28.71 2.89 27.11
C ARG B 4 -28.22 3.11 25.69
N LYS B 5 -28.77 2.33 24.76
CA LYS B 5 -28.38 2.50 23.36
C LYS B 5 -29.03 3.76 22.81
N ALA B 6 -28.25 4.50 22.02
CA ALA B 6 -28.76 5.72 21.43
C ALA B 6 -29.79 5.33 20.38
N VAL B 7 -30.82 6.16 20.21
CA VAL B 7 -31.84 5.94 19.20
C VAL B 7 -32.01 7.34 18.66
N ILE B 8 -31.32 7.58 17.55
CA ILE B 8 -31.22 8.90 16.94
C ILE B 8 -32.09 8.97 15.69
N GLY B 9 -33.20 9.68 15.81
CA GLY B 9 -34.08 9.79 14.67
C GLY B 9 -34.02 11.15 14.02
N TYR B 10 -33.92 11.17 12.69
CA TYR B 10 -33.93 12.44 12.03
C TYR B 10 -35.35 12.99 11.91
N TYR B 11 -35.47 14.29 12.14
CA TYR B 11 -36.73 14.99 11.88
C TYR B 11 -36.28 15.94 10.78
N PHE B 12 -36.73 15.68 9.56
CA PHE B 12 -36.36 16.51 8.43
C PHE B 12 -37.56 17.35 7.97
N ILE B 13 -37.36 18.64 7.85
CA ILE B 13 -38.42 19.50 7.38
C ILE B 13 -37.85 20.55 6.44
N PRO B 14 -38.28 20.50 5.18
CA PRO B 14 -37.87 21.41 4.10
C PRO B 14 -38.23 22.83 4.49
N THR B 15 -37.46 23.78 3.99
CA THR B 15 -37.71 25.17 4.30
C THR B 15 -39.16 25.63 4.02
N ASN B 16 -39.73 25.20 2.90
CA ASN B 16 -41.08 25.64 2.56
C ASN B 16 -42.10 25.14 3.58
N GLN B 17 -41.83 23.99 4.18
CA GLN B 17 -42.73 23.43 5.18
C GLN B 17 -42.58 24.18 6.50
N ILE B 18 -41.36 24.61 6.81
CA ILE B 18 -41.14 25.38 8.04
C ILE B 18 -41.90 26.71 7.85
N ASN B 19 -41.75 27.27 6.65
CA ASN B 19 -42.37 28.56 6.34
C ASN B 19 -43.88 28.53 6.33
N ASN B 20 -44.45 27.36 6.06
CA ASN B 20 -45.89 27.19 5.99
C ASN B 20 -46.31 26.15 7.01
N TYR B 21 -45.53 26.03 8.06
CA TYR B 21 -45.77 25.03 9.09
C TYR B 21 -47.20 25.06 9.59
N THR B 22 -47.77 23.87 9.65
CA THR B 22 -49.12 23.67 10.14
C THR B 22 -49.18 22.23 10.61
N GLU B 23 -49.97 21.95 11.64
CA GLU B 23 -50.06 20.59 12.12
C GLU B 23 -51.39 19.97 11.78
N THR B 24 -52.12 20.62 10.88
CA THR B 24 -53.43 20.12 10.49
C THR B 24 -53.63 20.03 8.99
N ASP B 25 -52.54 19.97 8.25
CA ASP B 25 -52.63 19.87 6.80
C ASP B 25 -51.45 19.07 6.28
N THR B 26 -51.63 17.76 6.18
CA THR B 26 -50.56 16.90 5.71
C THR B 26 -50.21 17.17 4.25
N SER B 27 -51.03 17.95 3.55
CA SER B 27 -50.72 18.27 2.17
C SER B 27 -49.64 19.35 2.18
N VAL B 28 -49.52 20.07 3.29
CA VAL B 28 -48.53 21.14 3.44
C VAL B 28 -47.32 20.62 4.24
N VAL B 29 -47.60 20.04 5.41
CA VAL B 29 -46.56 19.47 6.27
C VAL B 29 -47.01 18.04 6.52
N PRO B 30 -46.43 17.08 5.80
CA PRO B 30 -46.78 15.67 5.95
C PRO B 30 -46.56 15.15 7.35
N PHE B 31 -45.49 15.61 7.99
CA PHE B 31 -45.14 15.10 9.30
C PHE B 31 -44.80 16.20 10.28
N PRO B 32 -45.84 16.80 10.89
CA PRO B 32 -45.65 17.87 11.86
C PRO B 32 -45.07 17.30 13.16
N VAL B 33 -44.44 18.15 13.95
CA VAL B 33 -43.82 17.70 15.22
C VAL B 33 -44.85 17.04 16.13
N SER B 34 -46.10 17.43 15.99
CA SER B 34 -47.15 16.86 16.82
C SER B 34 -47.35 15.35 16.56
N ASN B 35 -46.81 14.82 15.46
CA ASN B 35 -46.97 13.38 15.22
C ASN B 35 -45.94 12.65 16.07
N ILE B 36 -45.03 13.40 16.69
CA ILE B 36 -44.05 12.79 17.57
C ILE B 36 -44.69 12.86 18.95
N THR B 37 -45.42 11.79 19.26
CA THR B 37 -46.15 11.67 20.50
C THR B 37 -45.25 11.45 21.68
N PRO B 38 -45.80 11.58 22.91
CA PRO B 38 -44.96 11.37 24.08
C PRO B 38 -44.31 9.98 24.05
N ALA B 39 -45.05 8.97 23.58
CA ALA B 39 -44.51 7.61 23.53
C ALA B 39 -43.30 7.58 22.59
N LYS B 40 -43.45 8.19 21.42
CA LYS B 40 -42.37 8.22 20.47
C LYS B 40 -41.21 9.00 21.07
N ALA B 41 -41.50 10.12 21.71
CA ALA B 41 -40.47 10.94 22.33
C ALA B 41 -39.65 10.12 23.34
N LYS B 42 -40.32 9.27 24.08
CA LYS B 42 -39.62 8.46 25.08
C LYS B 42 -38.75 7.37 24.43
N GLN B 43 -39.11 6.99 23.21
CA GLN B 43 -38.38 5.91 22.52
C GLN B 43 -37.12 6.42 21.84
N LEU B 44 -36.98 7.74 21.81
CA LEU B 44 -35.84 8.39 21.19
C LEU B 44 -34.85 8.88 22.22
N THR B 45 -33.56 8.91 21.87
CA THR B 45 -32.61 9.51 22.77
C THR B 45 -32.20 10.83 22.11
N HIS B 46 -32.27 10.88 20.78
CA HIS B 46 -31.90 12.11 20.06
C HIS B 46 -32.79 12.28 18.83
N ILE B 47 -33.14 13.53 18.56
CA ILE B 47 -33.84 13.83 17.32
C ILE B 47 -32.86 14.78 16.62
N ASN B 48 -32.45 14.44 15.41
CA ASN B 48 -31.57 15.31 14.66
C ASN B 48 -32.44 16.16 13.79
N PHE B 49 -32.61 17.42 14.17
CA PHE B 49 -33.41 18.33 13.38
C PHE B 49 -32.56 18.63 12.16
N SER B 50 -33.15 18.59 10.97
CA SER B 50 -32.37 18.80 9.76
C SER B 50 -33.16 19.60 8.75
N PHE B 51 -32.49 20.45 7.96
CA PHE B 51 -31.04 20.67 7.99
C PHE B 51 -30.69 22.15 8.07
N LEU B 52 -29.58 22.44 8.71
CA LEU B 52 -29.05 23.79 8.69
C LEU B 52 -27.93 23.61 7.69
N ASP B 53 -27.19 24.67 7.39
CA ASP B 53 -26.15 24.54 6.36
C ASP B 53 -24.98 25.41 6.76
N ILE B 54 -23.98 25.51 5.88
CA ILE B 54 -22.87 26.41 6.12
C ILE B 54 -23.04 27.39 4.95
N ASN B 55 -23.18 28.68 5.24
CA ASN B 55 -23.39 29.64 4.16
C ASN B 55 -22.07 30.16 3.58
N SER B 56 -22.16 31.10 2.65
CA SER B 56 -20.96 31.65 2.01
C SER B 56 -20.10 32.44 3.01
N ASN B 57 -20.70 32.85 4.13
CA ASN B 57 -19.92 33.56 5.13
C ASN B 57 -19.17 32.54 5.99
N LEU B 58 -19.32 31.27 5.63
CA LEU B 58 -18.63 30.17 6.32
C LEU B 58 -19.04 30.00 7.77
N GLU B 59 -20.33 30.19 7.98
CA GLU B 59 -20.94 30.05 9.27
C GLU B 59 -22.13 29.12 9.13
N CYS B 60 -22.40 28.39 10.21
CA CYS B 60 -23.55 27.53 10.30
C CYS B 60 -24.72 28.49 10.19
N ALA B 61 -25.70 28.16 9.37
CA ALA B 61 -26.84 29.04 9.19
C ALA B 61 -28.05 28.32 8.64
N TRP B 62 -29.22 28.87 8.93
CA TRP B 62 -30.43 28.31 8.39
C TRP B 62 -30.44 28.74 6.92
N ASP B 63 -31.20 28.02 6.11
CA ASP B 63 -31.42 28.38 4.71
C ASP B 63 -31.93 29.84 4.83
N PRO B 64 -31.31 30.78 4.10
CA PRO B 64 -31.67 32.20 4.09
C PRO B 64 -33.15 32.48 3.87
N ALA B 65 -33.82 31.56 3.19
CA ALA B 65 -35.25 31.71 2.86
C ALA B 65 -36.15 31.31 4.01
N THR B 66 -35.55 30.85 5.10
CA THR B 66 -36.32 30.43 6.25
C THR B 66 -36.99 31.57 7.02
N ASN B 67 -38.26 31.39 7.36
CA ASN B 67 -38.95 32.39 8.19
C ASN B 67 -38.38 32.02 9.57
N ASP B 68 -37.55 32.88 10.13
CA ASP B 68 -36.94 32.59 11.41
C ASP B 68 -37.90 32.30 12.54
N ALA B 69 -38.98 33.09 12.61
CA ALA B 69 -39.98 32.88 13.66
C ALA B 69 -40.59 31.47 13.56
N LYS B 70 -40.94 31.06 12.34
CA LYS B 70 -41.53 29.74 12.14
C LYS B 70 -40.52 28.66 12.48
N ALA B 71 -39.26 28.90 12.13
CA ALA B 71 -38.18 27.96 12.40
C ALA B 71 -38.07 27.78 13.92
N ARG B 72 -38.11 28.89 14.65
CA ARG B 72 -38.03 28.82 16.11
C ARG B 72 -39.20 28.01 16.67
N ASP B 73 -40.40 28.26 16.15
CA ASP B 73 -41.58 27.54 16.60
C ASP B 73 -41.43 26.05 16.34
N VAL B 74 -40.94 25.66 15.17
CA VAL B 74 -40.79 24.23 14.92
C VAL B 74 -39.79 23.62 15.89
N VAL B 75 -38.67 24.29 16.10
CA VAL B 75 -37.66 23.79 17.01
C VAL B 75 -38.23 23.73 18.44
N ASN B 76 -39.00 24.74 18.81
CA ASN B 76 -39.63 24.75 20.12
C ASN B 76 -40.51 23.52 20.32
N ARG B 77 -41.27 23.16 19.29
CA ARG B 77 -42.13 22.02 19.39
C ARG B 77 -41.31 20.77 19.68
N LEU B 78 -40.14 20.66 19.06
CA LEU B 78 -39.30 19.51 19.28
C LEU B 78 -38.71 19.58 20.68
N THR B 79 -38.19 20.73 21.08
CA THR B 79 -37.57 20.77 22.39
C THR B 79 -38.58 20.56 23.51
N ALA B 80 -39.85 20.90 23.26
CA ALA B 80 -40.90 20.73 24.27
C ALA B 80 -41.06 19.23 24.53
N LEU B 81 -40.66 18.41 23.56
CA LEU B 81 -40.76 16.96 23.70
C LEU B 81 -39.87 16.43 24.83
N LYS B 82 -38.88 17.21 25.20
CA LYS B 82 -37.98 16.83 26.27
C LYS B 82 -38.72 16.70 27.59
N ALA B 83 -39.91 17.31 27.68
CA ALA B 83 -40.72 17.21 28.90
C ALA B 83 -41.15 15.76 29.12
N HIS B 84 -41.14 14.97 28.05
CA HIS B 84 -41.56 13.57 28.13
C HIS B 84 -40.42 12.60 28.31
N ASN B 85 -39.20 13.10 28.17
CA ASN B 85 -38.05 12.24 28.23
C ASN B 85 -36.84 13.07 28.62
N PRO B 86 -36.43 12.99 29.89
CA PRO B 86 -35.28 13.77 30.33
C PRO B 86 -33.94 13.39 29.72
N SER B 87 -33.93 12.36 28.88
CA SER B 87 -32.68 11.98 28.24
C SER B 87 -32.64 12.46 26.79
N LEU B 88 -33.78 12.92 26.31
CA LEU B 88 -33.88 13.39 24.93
C LEU B 88 -33.10 14.63 24.57
N ARG B 89 -32.38 14.57 23.45
CA ARG B 89 -31.65 15.71 22.98
C ARG B 89 -32.19 16.08 21.62
N ILE B 90 -32.38 17.37 21.38
CA ILE B 90 -32.81 17.78 20.05
C ILE B 90 -31.55 18.35 19.44
N MET B 91 -30.92 17.56 18.58
CA MET B 91 -29.70 17.98 17.92
C MET B 91 -30.11 18.71 16.66
N PHE B 92 -29.17 19.42 16.04
CA PHE B 92 -29.50 19.99 14.76
C PHE B 92 -28.36 19.52 13.88
N SER B 93 -28.71 19.16 12.66
CA SER B 93 -27.75 18.67 11.69
C SER B 93 -27.43 19.69 10.65
N ILE B 94 -26.15 19.82 10.37
CA ILE B 94 -25.67 20.75 9.37
C ILE B 94 -25.25 19.97 8.16
N GLY B 95 -25.76 20.35 6.99
CA GLY B 95 -25.34 19.69 5.77
C GLY B 95 -26.34 18.72 5.20
N GLY B 96 -25.97 17.43 5.19
CA GLY B 96 -26.80 16.42 4.59
C GLY B 96 -26.33 16.28 3.13
N TRP B 97 -26.78 15.23 2.46
CA TRP B 97 -26.36 14.95 1.10
C TRP B 97 -26.51 16.12 0.14
N TYR B 98 -27.70 16.69 0.07
CA TYR B 98 -27.88 17.75 -0.91
C TYR B 98 -27.08 19.01 -0.72
N TYR B 99 -26.92 19.44 0.52
CA TYR B 99 -26.11 20.61 0.73
C TYR B 99 -24.64 20.35 0.58
N SER B 100 -24.18 19.19 1.05
CA SER B 100 -22.75 18.97 1.14
C SER B 100 -22.04 17.98 0.27
N ASN B 101 -22.75 17.24 -0.59
CA ASN B 101 -22.04 16.31 -1.45
C ASN B 101 -21.19 17.18 -2.36
N ASP B 102 -20.19 16.58 -3.01
CA ASP B 102 -19.24 17.31 -3.85
C ASP B 102 -19.91 18.28 -4.82
N LEU B 103 -21.04 17.85 -5.37
CA LEU B 103 -21.75 18.68 -6.34
C LEU B 103 -22.93 19.43 -5.73
N GLY B 104 -22.97 19.49 -4.41
CA GLY B 104 -24.04 20.19 -3.73
C GLY B 104 -23.77 21.68 -3.75
N VAL B 105 -24.85 22.45 -3.69
CA VAL B 105 -24.74 23.90 -3.74
C VAL B 105 -23.88 24.51 -2.66
N SER B 106 -23.80 23.89 -1.49
CA SER B 106 -22.99 24.48 -0.45
C SER B 106 -21.66 23.83 -0.18
N HIS B 107 -21.30 22.85 -0.99
CA HIS B 107 -20.07 22.13 -0.75
C HIS B 107 -18.85 22.99 -0.51
N ALA B 108 -18.69 24.04 -1.31
CA ALA B 108 -17.54 24.91 -1.15
C ALA B 108 -17.45 25.47 0.26
N ASN B 109 -18.61 25.80 0.82
CA ASN B 109 -18.63 26.39 2.16
C ASN B 109 -18.13 25.45 3.24
N TYR B 110 -18.34 24.14 3.07
CA TYR B 110 -17.84 23.19 4.06
C TYR B 110 -16.32 23.11 3.91
N VAL B 111 -15.87 23.00 2.67
CA VAL B 111 -14.45 22.92 2.40
C VAL B 111 -13.74 24.18 2.89
N ASN B 112 -14.29 25.34 2.59
CA ASN B 112 -13.64 26.59 3.01
C ASN B 112 -13.76 26.88 4.49
N ALA B 113 -14.90 26.52 5.09
CA ALA B 113 -15.06 26.79 6.50
C ALA B 113 -14.02 26.12 7.39
N VAL B 114 -13.49 24.96 6.96
CA VAL B 114 -12.55 24.23 7.80
C VAL B 114 -11.09 24.44 7.54
N LYS B 115 -10.77 25.35 6.62
CA LYS B 115 -9.40 25.60 6.21
C LYS B 115 -8.38 26.16 7.20
N THR B 116 -8.78 27.16 7.97
CA THR B 116 -7.82 27.82 8.86
C THR B 116 -8.23 27.93 10.28
N PRO B 117 -7.28 28.29 11.15
CA PRO B 117 -7.67 28.42 12.55
C PRO B 117 -8.81 29.42 12.64
N ALA B 118 -8.69 30.51 11.88
CA ALA B 118 -9.70 31.56 11.92
C ALA B 118 -11.04 31.10 11.36
N SER B 119 -11.03 30.46 10.21
CA SER B 119 -12.30 30.03 9.65
C SER B 119 -12.93 28.96 10.54
N ARG B 120 -12.10 28.08 11.09
CA ARG B 120 -12.64 27.03 11.96
C ARG B 120 -13.19 27.62 13.24
N ALA B 121 -12.50 28.62 13.78
CA ALA B 121 -12.97 29.26 15.00
C ALA B 121 -14.31 29.95 14.68
N LYS B 122 -14.37 30.63 13.56
CA LYS B 122 -15.61 31.34 13.19
C LYS B 122 -16.78 30.38 12.96
N PHE B 123 -16.48 29.27 12.28
CA PHE B 123 -17.51 28.30 12.02
C PHE B 123 -17.98 27.60 13.30
N ALA B 124 -17.04 27.17 14.13
CA ALA B 124 -17.38 26.48 15.38
C ALA B 124 -18.22 27.39 16.28
N GLN B 125 -17.79 28.64 16.38
CA GLN B 125 -18.55 29.59 17.18
C GLN B 125 -19.96 29.72 16.64
N SER B 126 -20.12 29.78 15.32
CA SER B 126 -21.47 29.89 14.80
C SER B 126 -22.32 28.65 15.12
N CYS B 127 -21.70 27.46 15.15
CA CYS B 127 -22.47 26.27 15.49
C CYS B 127 -23.02 26.37 16.90
N VAL B 128 -22.16 26.79 17.82
CA VAL B 128 -22.61 26.90 19.21
C VAL B 128 -23.60 28.03 19.37
N ARG B 129 -23.38 29.13 18.66
CA ARG B 129 -24.30 30.26 18.74
C ARG B 129 -25.67 29.83 18.26
N ILE B 130 -25.72 29.12 17.13
CA ILE B 130 -26.98 28.64 16.60
C ILE B 130 -27.60 27.67 17.60
N MET B 131 -26.78 26.78 18.13
CA MET B 131 -27.28 25.79 19.07
C MET B 131 -27.99 26.49 20.23
N LYS B 132 -27.32 27.46 20.83
CA LYS B 132 -27.89 28.19 21.97
C LYS B 132 -29.06 29.08 21.64
N ASP B 133 -28.94 29.78 20.51
CA ASP B 133 -29.99 30.68 20.11
C ASP B 133 -31.32 29.97 19.86
N TYR B 134 -31.28 28.78 19.28
CA TYR B 134 -32.53 28.08 19.00
C TYR B 134 -32.94 27.02 20.02
N GLY B 135 -32.05 26.72 20.95
CA GLY B 135 -32.38 25.78 22.00
C GLY B 135 -32.05 24.34 21.71
N PHE B 136 -31.08 24.09 20.81
CA PHE B 136 -30.68 22.73 20.47
C PHE B 136 -29.76 22.22 21.57
N ASP B 137 -29.64 20.90 21.62
CA ASP B 137 -28.89 20.21 22.65
C ASP B 137 -27.57 19.67 22.17
N GLY B 138 -27.27 19.93 20.90
CA GLY B 138 -26.02 19.45 20.36
C GLY B 138 -25.90 19.76 18.90
N VAL B 139 -24.73 19.49 18.36
CA VAL B 139 -24.42 19.78 16.98
C VAL B 139 -24.13 18.48 16.26
N ASP B 140 -24.73 18.30 15.09
CA ASP B 140 -24.44 17.13 14.28
C ASP B 140 -24.03 17.67 12.92
N ILE B 141 -22.94 17.15 12.36
CA ILE B 141 -22.51 17.64 11.06
C ILE B 141 -22.57 16.47 10.11
N ASP B 142 -23.25 16.69 9.00
CA ASP B 142 -23.41 15.65 8.01
C ASP B 142 -22.77 16.08 6.70
N TRP B 143 -21.45 16.21 6.70
CA TRP B 143 -20.74 16.55 5.49
C TRP B 143 -20.44 15.22 4.81
N GLU B 144 -21.02 15.05 3.63
CA GLU B 144 -20.89 13.81 2.86
C GLU B 144 -20.14 13.99 1.56
N TYR B 145 -18.81 13.94 1.56
CA TYR B 145 -17.97 13.69 2.74
C TYR B 145 -16.65 14.40 2.53
N PRO B 146 -15.99 14.78 3.61
CA PRO B 146 -14.72 15.46 3.38
C PRO B 146 -13.69 14.50 2.79
N GLN B 147 -12.77 15.04 2.01
CA GLN B 147 -11.79 14.11 1.51
C GLN B 147 -10.45 14.74 1.64
N ALA B 148 -9.46 14.07 1.07
CA ALA B 148 -8.10 14.59 0.97
C ALA B 148 -7.61 15.54 2.05
N ALA B 149 -7.22 16.73 1.60
CA ALA B 149 -6.69 17.77 2.46
C ALA B 149 -7.76 18.41 3.30
N GLU B 150 -9.00 17.99 3.11
CA GLU B 150 -10.05 18.61 3.90
C GLU B 150 -10.19 17.97 5.25
N VAL B 151 -9.74 16.72 5.37
CA VAL B 151 -9.92 15.99 6.60
C VAL B 151 -9.23 16.60 7.79
N ASP B 152 -7.97 17.03 7.63
CA ASP B 152 -7.32 17.61 8.79
C ASP B 152 -8.08 18.83 9.26
N GLY B 153 -8.61 19.62 8.32
CA GLY B 153 -9.34 20.81 8.72
C GLY B 153 -10.64 20.45 9.40
N PHE B 154 -11.29 19.43 8.86
CA PHE B 154 -12.54 18.92 9.41
C PHE B 154 -12.32 18.45 10.86
N ILE B 155 -11.25 17.70 11.04
CA ILE B 155 -10.94 17.19 12.37
C ILE B 155 -10.74 18.37 13.32
N ALA B 156 -9.99 19.36 12.88
CA ALA B 156 -9.76 20.50 13.74
C ALA B 156 -11.05 21.27 14.04
N ALA B 157 -11.96 21.36 13.06
CA ALA B 157 -13.22 22.06 13.27
C ALA B 157 -14.02 21.26 14.30
N LEU B 158 -14.00 19.93 14.20
CA LEU B 158 -14.73 19.13 15.19
C LEU B 158 -14.14 19.31 16.59
N GLN B 159 -12.82 19.30 16.69
CA GLN B 159 -12.17 19.50 17.98
C GLN B 159 -12.56 20.87 18.54
N GLU B 160 -12.61 21.89 17.68
CA GLU B 160 -12.94 23.23 18.13
C GLU B 160 -14.36 23.31 18.67
N ILE B 161 -15.30 22.75 17.92
CA ILE B 161 -16.69 22.73 18.33
C ILE B 161 -16.76 21.99 19.68
N ARG B 162 -16.05 20.87 19.79
CA ARG B 162 -16.06 20.08 21.01
C ARG B 162 -15.63 20.98 22.18
N THR B 163 -14.53 21.70 21.99
CA THR B 163 -14.02 22.62 23.02
C THR B 163 -15.09 23.61 23.42
N LEU B 164 -15.72 24.24 22.42
CA LEU B 164 -16.76 25.20 22.68
C LEU B 164 -17.98 24.57 23.35
N LEU B 165 -18.36 23.36 22.94
CA LEU B 165 -19.51 22.72 23.56
C LEU B 165 -19.25 22.36 25.01
N ASN B 166 -18.06 21.87 25.31
CA ASN B 166 -17.77 21.50 26.68
C ASN B 166 -17.80 22.74 27.56
N GLN B 167 -17.30 23.86 27.06
CA GLN B 167 -17.34 25.09 27.86
C GLN B 167 -18.78 25.54 28.01
N GLN B 168 -19.57 25.38 26.96
CA GLN B 168 -20.96 25.79 27.00
C GLN B 168 -21.72 24.94 28.03
N THR B 169 -21.39 23.66 28.11
CA THR B 169 -22.08 22.81 29.08
C THR B 169 -21.84 23.40 30.48
N ILE B 170 -20.60 23.80 30.75
CA ILE B 170 -20.26 24.38 32.06
C ILE B 170 -21.00 25.70 32.27
N THR B 171 -20.93 26.57 31.28
CA THR B 171 -21.59 27.87 31.36
C THR B 171 -23.08 27.74 31.62
N ASP B 172 -23.71 26.71 31.06
CA ASP B 172 -25.15 26.56 31.23
C ASP B 172 -25.54 25.62 32.35
N GLY B 173 -24.57 25.05 33.04
CA GLY B 173 -24.90 24.11 34.11
C GLY B 173 -25.60 22.90 33.52
N ARG B 174 -25.21 22.52 32.31
CA ARG B 174 -25.83 21.38 31.64
C ARG B 174 -25.14 20.03 31.89
N GLN B 175 -24.43 19.92 33.01
CA GLN B 175 -23.78 18.65 33.36
C GLN B 175 -24.72 17.44 33.31
N ALA B 176 -26.01 17.63 33.59
CA ALA B 176 -26.94 16.50 33.57
C ALA B 176 -27.28 16.03 32.14
N LEU B 177 -27.05 16.90 31.16
CA LEU B 177 -27.34 16.55 29.76
C LEU B 177 -26.39 17.42 28.95
N PRO B 178 -25.10 17.10 29.03
CA PRO B 178 -24.10 17.89 28.30
C PRO B 178 -24.37 17.98 26.80
N TYR B 179 -23.94 19.09 26.21
CA TYR B 179 -24.09 19.29 24.78
C TYR B 179 -23.23 18.24 24.09
N GLN B 180 -23.75 17.74 22.97
CA GLN B 180 -23.04 16.70 22.25
C GLN B 180 -22.70 17.08 20.86
N LEU B 181 -21.78 16.31 20.31
CA LEU B 181 -21.31 16.52 18.95
C LEU B 181 -21.30 15.19 18.24
N THR B 182 -21.93 15.16 17.07
CA THR B 182 -21.95 13.93 16.30
C THR B 182 -21.80 14.27 14.83
N ILE B 183 -21.56 13.26 14.03
CA ILE B 183 -21.54 13.44 12.59
C ILE B 183 -22.20 12.20 11.98
N ALA B 184 -22.67 12.36 10.75
CA ALA B 184 -23.20 11.25 9.99
C ALA B 184 -21.93 10.81 9.21
N GLY B 185 -21.61 9.54 9.26
CA GLY B 185 -20.42 9.07 8.57
C GLY B 185 -20.84 8.13 7.46
N ALA B 186 -19.97 7.93 6.49
CA ALA B 186 -20.25 7.01 5.40
C ALA B 186 -20.42 5.59 5.93
N GLY B 187 -21.35 4.84 5.33
CA GLY B 187 -21.62 3.47 5.71
C GLY B 187 -21.18 2.50 4.61
N GLY B 188 -20.49 3.04 3.60
CA GLY B 188 -20.00 2.22 2.48
C GLY B 188 -18.53 2.58 2.22
N ALA B 189 -17.75 1.58 1.81
CA ALA B 189 -16.33 1.77 1.58
C ALA B 189 -15.91 2.88 0.61
N PHE B 190 -16.71 3.14 -0.42
CA PHE B 190 -16.29 4.15 -1.39
C PHE B 190 -16.12 5.51 -0.76
N PHE B 191 -17.18 6.05 -0.13
CA PHE B 191 -17.04 7.34 0.50
C PHE B 191 -16.20 7.23 1.76
N LEU B 192 -16.32 6.11 2.45
CA LEU B 192 -15.53 5.95 3.66
C LEU B 192 -14.05 6.11 3.36
N SER B 193 -13.60 5.60 2.22
CA SER B 193 -12.18 5.68 1.89
C SER B 193 -11.63 7.11 1.90
N ARG B 194 -12.50 8.10 1.75
CA ARG B 194 -12.03 9.50 1.73
C ARG B 194 -11.34 9.93 3.00
N TYR B 195 -11.83 9.44 4.14
CA TYR B 195 -11.26 9.87 5.41
C TYR B 195 -10.95 8.72 6.35
N TYR B 196 -11.11 7.50 5.84
CA TYR B 196 -10.88 6.31 6.62
C TYR B 196 -9.58 6.31 7.44
N SER B 197 -8.46 6.67 6.80
CA SER B 197 -7.18 6.66 7.53
C SER B 197 -7.18 7.52 8.78
N LYS B 198 -8.06 8.52 8.85
CA LYS B 198 -8.10 9.39 10.00
C LYS B 198 -9.31 9.22 10.88
N LEU B 199 -9.94 8.05 10.78
CA LEU B 199 -11.15 7.80 11.55
C LEU B 199 -10.97 8.07 13.03
N ALA B 200 -9.85 7.64 13.59
CA ALA B 200 -9.65 7.83 15.03
C ALA B 200 -9.71 9.30 15.45
N GLN B 201 -9.04 10.17 14.70
CA GLN B 201 -9.01 11.61 14.97
C GLN B 201 -10.38 12.22 14.74
N ILE B 202 -11.10 11.72 13.75
CA ILE B 202 -12.42 12.25 13.50
C ILE B 202 -13.42 11.90 14.59
N VAL B 203 -13.31 10.67 15.10
CA VAL B 203 -14.25 10.21 16.12
C VAL B 203 -13.91 10.65 17.52
N ALA B 204 -12.65 11.00 17.76
CA ALA B 204 -12.22 11.39 19.10
C ALA B 204 -13.07 12.48 19.75
N PRO B 205 -13.36 13.57 19.04
CA PRO B 205 -14.18 14.62 19.66
C PRO B 205 -15.69 14.37 19.62
N LEU B 206 -16.10 13.24 19.05
CA LEU B 206 -17.53 12.98 18.93
C LEU B 206 -18.12 12.12 20.02
N ASP B 207 -19.42 12.31 20.26
CA ASP B 207 -20.15 11.46 21.17
C ASP B 207 -20.47 10.21 20.35
N TYR B 208 -20.80 10.41 19.07
CA TYR B 208 -21.15 9.29 18.19
C TYR B 208 -20.85 9.60 16.76
N ILE B 209 -20.59 8.56 15.97
CA ILE B 209 -20.47 8.77 14.55
C ILE B 209 -21.64 7.88 14.05
N ASN B 210 -22.61 8.49 13.40
CA ASN B 210 -23.78 7.76 12.95
C ASN B 210 -23.56 7.30 11.55
N LEU B 211 -23.34 6.00 11.39
CA LEU B 211 -23.06 5.48 10.08
C LEU B 211 -24.25 5.35 9.18
N MET B 212 -24.10 5.83 7.96
CA MET B 212 -25.19 5.70 7.01
C MET B 212 -25.05 4.33 6.35
N THR B 213 -25.26 3.30 7.17
CA THR B 213 -25.16 1.94 6.71
C THR B 213 -26.44 1.49 5.97
N TYR B 214 -26.71 2.20 4.89
CA TYR B 214 -27.83 1.93 4.03
C TYR B 214 -27.53 2.73 2.78
N ASP B 215 -28.46 2.76 1.82
CA ASP B 215 -28.18 3.37 0.52
C ASP B 215 -27.00 2.62 -0.07
N LEU B 216 -26.87 1.34 0.28
CA LEU B 216 -25.75 0.53 -0.22
C LEU B 216 -26.18 -0.11 -1.55
N ALA B 217 -27.41 0.18 -1.96
CA ALA B 217 -27.95 -0.32 -3.22
C ALA B 217 -28.88 0.81 -3.65
N GLY B 218 -29.15 0.90 -4.95
CA GLY B 218 -30.00 1.97 -5.45
C GLY B 218 -29.96 1.94 -6.97
N PRO B 219 -30.86 2.68 -7.62
CA PRO B 219 -30.92 2.70 -9.08
C PRO B 219 -29.66 3.17 -9.79
N TRP B 220 -28.70 3.71 -9.03
CA TRP B 220 -27.43 4.15 -9.61
C TRP B 220 -26.51 2.96 -9.83
N GLU B 221 -26.92 1.78 -9.34
CA GLU B 221 -26.13 0.56 -9.52
C GLU B 221 -26.86 -0.27 -10.57
N LYS B 222 -26.10 -0.98 -11.41
CA LYS B 222 -26.69 -1.75 -12.48
C LYS B 222 -27.43 -3.02 -12.03
N VAL B 223 -27.09 -3.53 -10.86
CA VAL B 223 -27.73 -4.75 -10.37
C VAL B 223 -28.54 -4.41 -9.11
N THR B 224 -29.81 -4.82 -9.07
CA THR B 224 -30.62 -4.55 -7.88
C THR B 224 -30.02 -5.30 -6.70
N ASN B 225 -30.17 -4.74 -5.50
CA ASN B 225 -29.60 -5.37 -4.35
C ASN B 225 -30.21 -4.76 -3.10
N HIS B 226 -29.96 -5.38 -1.95
CA HIS B 226 -30.46 -4.89 -0.69
C HIS B 226 -29.67 -3.65 -0.35
N GLN B 227 -30.34 -2.60 0.07
CA GLN B 227 -29.62 -1.38 0.36
C GLN B 227 -28.98 -1.36 1.73
N ALA B 228 -29.34 -2.33 2.56
CA ALA B 228 -28.82 -2.38 3.90
C ALA B 228 -28.76 -3.78 4.47
N ALA B 229 -28.19 -4.68 3.67
CA ALA B 229 -28.02 -6.06 4.10
C ALA B 229 -27.14 -6.02 5.35
N LEU B 230 -27.51 -6.78 6.36
CA LEU B 230 -26.70 -6.81 7.57
C LEU B 230 -25.44 -7.62 7.27
N PHE B 231 -25.64 -8.79 6.68
CA PHE B 231 -24.55 -9.67 6.30
C PHE B 231 -24.66 -9.91 4.82
N GLY B 232 -23.63 -10.50 4.23
CA GLY B 232 -23.66 -10.69 2.79
C GLY B 232 -24.34 -11.93 2.27
N ASP B 233 -24.85 -11.82 1.04
CA ASP B 233 -25.48 -12.93 0.34
C ASP B 233 -24.48 -13.23 -0.79
N ALA B 234 -23.90 -14.42 -0.77
CA ALA B 234 -22.94 -14.77 -1.81
C ALA B 234 -23.54 -14.71 -3.22
N ALA B 235 -24.84 -14.90 -3.32
CA ALA B 235 -25.50 -14.85 -4.63
C ALA B 235 -25.64 -13.41 -5.11
N GLY B 236 -25.46 -12.46 -4.19
CA GLY B 236 -25.62 -11.06 -4.55
C GLY B 236 -24.37 -10.41 -5.12
N PRO B 237 -24.47 -9.16 -5.59
CA PRO B 237 -23.28 -8.53 -6.14
C PRO B 237 -22.22 -8.25 -5.08
N THR B 238 -20.99 -8.13 -5.53
CA THR B 238 -19.90 -7.81 -4.64
C THR B 238 -19.29 -6.54 -5.19
N PHE B 239 -18.51 -5.88 -4.34
CA PHE B 239 -17.93 -4.62 -4.73
C PHE B 239 -16.46 -4.52 -4.48
N TYR B 240 -15.89 -3.55 -5.17
CA TYR B 240 -14.48 -3.23 -5.03
C TYR B 240 -14.30 -2.70 -3.60
N ASN B 241 -13.33 -3.21 -2.86
CA ASN B 241 -13.13 -2.71 -1.52
C ASN B 241 -12.26 -1.46 -1.60
N ALA B 242 -12.90 -0.31 -1.76
CA ALA B 242 -12.18 0.97 -1.89
C ALA B 242 -11.19 1.28 -0.78
N LEU B 243 -11.41 0.74 0.42
CA LEU B 243 -10.49 1.04 1.51
C LEU B 243 -9.04 0.63 1.26
N ARG B 244 -8.84 -0.35 0.38
CA ARG B 244 -7.49 -0.80 0.12
C ARG B 244 -6.72 0.28 -0.66
N GLU B 245 -7.45 1.28 -1.15
CA GLU B 245 -6.81 2.38 -1.87
C GLU B 245 -6.68 3.64 -1.01
N ALA B 246 -7.09 3.56 0.26
CA ALA B 246 -7.00 4.76 1.12
C ALA B 246 -5.54 5.01 1.49
N ASN B 247 -5.20 6.26 1.82
CA ASN B 247 -3.82 6.58 2.18
C ASN B 247 -3.50 6.13 3.60
N LEU B 248 -3.28 4.83 3.75
CA LEU B 248 -2.99 4.25 5.05
C LEU B 248 -1.53 4.01 5.33
N GLY B 249 -0.76 3.79 4.27
CA GLY B 249 0.66 3.53 4.44
C GLY B 249 0.91 2.10 4.87
N TRP B 250 -0.06 1.22 4.67
CA TRP B 250 0.13 -0.17 5.08
C TRP B 250 0.76 -0.95 3.94
N SER B 251 1.34 -2.11 4.27
CA SER B 251 1.97 -2.96 3.25
C SER B 251 0.92 -3.75 2.49
N TRP B 252 1.33 -4.38 1.39
CA TRP B 252 0.39 -5.15 0.58
C TRP B 252 -0.29 -6.19 1.46
N GLU B 253 0.48 -6.92 2.23
CA GLU B 253 -0.12 -7.92 3.10
C GLU B 253 -1.14 -7.31 4.05
N GLU B 254 -0.79 -6.16 4.65
CA GLU B 254 -1.72 -5.56 5.60
C GLU B 254 -3.01 -5.08 4.92
N LEU B 255 -2.86 -4.49 3.75
CA LEU B 255 -4.03 -4.00 3.01
C LEU B 255 -4.90 -5.19 2.66
N THR B 256 -4.26 -6.26 2.17
CA THR B 256 -4.99 -7.45 1.76
C THR B 256 -5.75 -8.10 2.91
N ARG B 257 -5.10 -8.19 4.07
CA ARG B 257 -5.69 -8.78 5.27
C ARG B 257 -6.90 -7.98 5.75
N ALA B 258 -6.80 -6.68 5.60
CA ALA B 258 -7.84 -5.77 6.07
C ALA B 258 -9.00 -5.60 5.11
N PHE B 259 -8.67 -5.63 3.82
CA PHE B 259 -9.64 -5.31 2.80
C PHE B 259 -9.86 -6.34 1.71
N PRO B 260 -10.51 -7.47 2.05
CA PRO B 260 -10.78 -8.50 1.06
C PRO B 260 -11.53 -7.79 -0.04
N SER B 261 -11.27 -8.11 -1.30
CA SER B 261 -11.96 -7.47 -2.41
C SER B 261 -12.04 -8.43 -3.59
N PRO B 262 -13.20 -8.52 -4.24
CA PRO B 262 -14.45 -7.79 -3.95
C PRO B 262 -15.05 -8.25 -2.62
N PHE B 263 -15.99 -7.49 -2.08
CA PHE B 263 -16.57 -7.89 -0.82
C PHE B 263 -18.06 -7.54 -0.86
N SER B 264 -18.78 -7.99 0.15
CA SER B 264 -20.21 -7.74 0.24
C SER B 264 -20.42 -6.41 0.99
N LEU B 265 -21.04 -5.47 0.28
CA LEU B 265 -21.30 -4.13 0.80
C LEU B 265 -22.47 -4.28 1.77
N THR B 266 -22.16 -4.44 3.04
CA THR B 266 -23.18 -4.66 4.07
C THR B 266 -22.97 -3.76 5.26
N VAL B 267 -23.94 -3.78 6.16
CA VAL B 267 -23.85 -3.00 7.38
C VAL B 267 -22.69 -3.54 8.22
N ASP B 268 -22.60 -4.86 8.29
CA ASP B 268 -21.55 -5.52 9.07
C ASP B 268 -20.17 -5.12 8.54
N ALA B 269 -20.06 -5.00 7.22
CA ALA B 269 -18.78 -4.62 6.63
C ALA B 269 -18.42 -3.23 7.10
N ALA B 270 -19.36 -2.29 7.01
CA ALA B 270 -19.02 -0.93 7.45
C ALA B 270 -18.65 -0.87 8.92
N VAL B 271 -19.42 -1.56 9.76
CA VAL B 271 -19.11 -1.52 11.17
C VAL B 271 -17.76 -2.17 11.47
N GLN B 272 -17.52 -3.31 10.86
CA GLN B 272 -16.24 -3.98 11.11
C GLN B 272 -15.09 -3.14 10.55
N GLN B 273 -15.31 -2.48 9.41
CA GLN B 273 -14.27 -1.65 8.84
C GLN B 273 -13.93 -0.54 9.80
N HIS B 274 -14.92 0.03 10.48
CA HIS B 274 -14.59 1.07 11.44
C HIS B 274 -13.83 0.49 12.61
N LEU B 275 -14.25 -0.70 13.06
CA LEU B 275 -13.58 -1.32 14.20
C LEU B 275 -12.15 -1.81 13.91
N MET B 276 -11.79 -1.98 12.64
CA MET B 276 -10.42 -2.42 12.33
C MET B 276 -9.45 -1.27 12.61
N MET B 277 -9.97 -0.06 12.75
CA MET B 277 -9.10 1.09 12.99
C MET B 277 -8.85 1.33 14.47
N GLU B 278 -7.58 1.39 14.80
CA GLU B 278 -7.19 1.63 16.16
C GLU B 278 -7.75 2.96 16.66
N GLY B 279 -8.24 2.96 17.89
CA GLY B 279 -8.78 4.20 18.43
C GLY B 279 -10.24 4.56 18.13
N VAL B 280 -10.97 3.69 17.44
CA VAL B 280 -12.39 3.93 17.14
C VAL B 280 -13.17 3.00 18.08
N PRO B 281 -13.72 3.55 19.16
CA PRO B 281 -14.48 2.76 20.11
C PRO B 281 -15.83 2.34 19.60
N SER B 282 -16.15 1.06 19.75
CA SER B 282 -17.42 0.55 19.30
C SER B 282 -18.56 1.35 19.91
N ALA B 283 -18.39 1.82 21.14
CA ALA B 283 -19.45 2.57 21.80
C ALA B 283 -19.85 3.86 21.10
N LYS B 284 -19.00 4.36 20.22
CA LYS B 284 -19.31 5.60 19.50
C LYS B 284 -19.94 5.36 18.14
N ILE B 285 -19.83 4.14 17.66
CA ILE B 285 -20.38 3.78 16.37
C ILE B 285 -21.88 3.57 16.54
N VAL B 286 -22.65 4.29 15.75
CA VAL B 286 -24.08 4.18 15.78
C VAL B 286 -24.47 3.62 14.43
N MET B 287 -25.26 2.56 14.42
CA MET B 287 -25.66 1.97 13.14
C MET B 287 -26.87 2.68 12.56
N GLY B 288 -26.72 3.19 11.35
CA GLY B 288 -27.83 3.85 10.74
C GLY B 288 -28.72 2.81 10.05
N VAL B 289 -30.02 3.07 10.07
CA VAL B 289 -30.97 2.21 9.35
C VAL B 289 -31.92 3.13 8.62
N PRO B 290 -32.45 2.67 7.47
CA PRO B 290 -33.36 3.53 6.74
C PRO B 290 -34.81 3.24 7.11
N PHE B 291 -35.64 4.29 7.20
CA PHE B 291 -37.07 4.06 7.41
C PHE B 291 -37.75 4.15 6.04
N TYR B 292 -36.95 3.96 4.98
CA TYR B 292 -37.50 4.00 3.63
C TYR B 292 -36.90 2.92 2.77
N GLY B 293 -37.57 2.63 1.66
CA GLY B 293 -37.08 1.64 0.73
C GLY B 293 -36.69 2.33 -0.57
N ARG B 294 -35.87 1.63 -1.35
CA ARG B 294 -35.45 2.15 -2.66
C ARG B 294 -36.02 1.19 -3.68
N ALA B 295 -36.56 1.74 -4.76
CA ALA B 295 -37.24 0.92 -5.75
C ALA B 295 -36.64 0.97 -7.12
N PHE B 296 -36.80 -0.16 -7.81
CA PHE B 296 -36.34 -0.35 -9.17
C PHE B 296 -37.48 -0.91 -10.05
N LYS B 297 -37.40 -0.65 -11.35
CA LYS B 297 -38.36 -1.21 -12.27
C LYS B 297 -37.54 -1.95 -13.33
N GLY B 298 -38.20 -2.81 -14.10
CA GLY B 298 -37.52 -3.55 -15.15
C GLY B 298 -36.74 -4.73 -14.65
N VAL B 299 -37.09 -5.23 -13.47
CA VAL B 299 -36.35 -6.36 -12.94
C VAL B 299 -36.90 -7.68 -13.45
N SER B 300 -36.02 -8.67 -13.54
CA SER B 300 -36.37 -10.01 -13.99
C SER B 300 -36.94 -10.81 -12.83
N GLY B 301 -37.56 -11.95 -13.14
CA GLY B 301 -38.10 -12.78 -12.08
C GLY B 301 -37.11 -13.90 -11.75
N GLY B 302 -37.53 -14.87 -10.96
CA GLY B 302 -36.65 -15.96 -10.63
C GLY B 302 -36.12 -15.85 -9.21
N ASN B 303 -35.63 -14.68 -8.85
CA ASN B 303 -35.13 -14.50 -7.50
C ASN B 303 -35.80 -13.30 -6.83
N GLY B 304 -37.10 -13.19 -7.06
CA GLY B 304 -37.88 -12.12 -6.46
C GLY B 304 -37.38 -10.72 -6.75
N GLY B 305 -36.72 -10.53 -7.90
CA GLY B 305 -36.26 -9.20 -8.25
C GLY B 305 -34.87 -8.87 -7.76
N GLN B 306 -34.31 -9.75 -6.93
CA GLN B 306 -32.97 -9.55 -6.40
C GLN B 306 -31.89 -9.78 -7.43
N TYR B 307 -30.85 -8.96 -7.37
CA TYR B 307 -29.68 -9.11 -8.23
C TYR B 307 -30.00 -9.20 -9.71
N SER B 308 -30.88 -8.32 -10.16
CA SER B 308 -31.28 -8.28 -11.54
C SER B 308 -30.91 -6.97 -12.21
N SER B 309 -30.79 -7.01 -13.54
CA SER B 309 -30.53 -5.80 -14.28
C SER B 309 -31.86 -5.08 -14.10
N HIS B 310 -31.93 -3.82 -14.50
CA HIS B 310 -33.17 -3.12 -14.31
C HIS B 310 -33.14 -1.93 -15.25
N SER B 311 -34.25 -1.21 -15.33
CA SER B 311 -34.31 -0.05 -16.22
C SER B 311 -34.64 1.23 -15.45
N THR B 312 -34.16 1.31 -14.22
CA THR B 312 -34.45 2.47 -13.38
C THR B 312 -33.45 3.57 -13.57
N PRO B 313 -33.91 4.80 -13.91
CA PRO B 313 -33.03 5.95 -14.11
C PRO B 313 -32.34 6.17 -12.75
N GLY B 314 -31.06 6.51 -12.76
CA GLY B 314 -30.38 6.73 -11.50
C GLY B 314 -30.19 8.20 -11.27
N GLU B 315 -30.60 9.01 -12.24
CA GLU B 315 -30.44 10.46 -12.16
C GLU B 315 -31.21 11.09 -11.03
N ASP B 316 -30.64 12.15 -10.48
CA ASP B 316 -31.25 12.89 -9.40
C ASP B 316 -31.26 14.36 -9.84
N PRO B 317 -32.45 14.99 -9.88
CA PRO B 317 -33.77 14.45 -9.55
C PRO B 317 -34.29 13.48 -10.57
N TYR B 318 -35.37 12.78 -10.20
CA TYR B 318 -36.00 11.81 -11.09
C TYR B 318 -36.32 12.57 -12.37
N PRO B 319 -35.77 12.10 -13.50
CA PRO B 319 -35.92 12.72 -14.82
C PRO B 319 -37.26 12.66 -15.53
N SER B 320 -38.18 11.88 -15.00
CA SER B 320 -39.45 11.69 -15.68
C SER B 320 -40.66 12.01 -14.82
N THR B 321 -41.82 11.89 -15.44
CA THR B 321 -43.09 12.15 -14.79
C THR B 321 -43.79 10.81 -14.59
N ASP B 322 -43.11 9.74 -14.97
CA ASP B 322 -43.65 8.39 -14.85
C ASP B 322 -43.50 7.86 -13.41
N TYR B 323 -44.57 7.96 -12.62
CA TYR B 323 -44.48 7.45 -11.25
C TYR B 323 -44.99 6.01 -11.25
N TRP B 324 -44.08 5.11 -11.63
CA TRP B 324 -44.35 3.69 -11.79
C TRP B 324 -44.36 2.77 -10.57
N LEU B 325 -44.14 3.32 -9.37
CA LEU B 325 -44.17 2.44 -8.19
C LEU B 325 -45.65 2.34 -7.83
N VAL B 326 -46.29 1.28 -8.31
CA VAL B 326 -47.72 1.09 -8.11
C VAL B 326 -48.20 1.35 -6.69
N GLY B 327 -49.15 2.29 -6.58
CA GLY B 327 -49.77 2.58 -5.28
C GLY B 327 -49.01 3.46 -4.33
N CYS B 328 -47.87 3.96 -4.78
CA CYS B 328 -47.08 4.82 -3.94
C CYS B 328 -47.54 6.23 -4.20
N GLU B 329 -48.41 6.71 -3.32
CA GLU B 329 -48.94 8.05 -3.46
C GLU B 329 -47.93 9.09 -3.04
N GLU B 330 -47.14 8.78 -2.01
CA GLU B 330 -46.16 9.76 -1.58
C GLU B 330 -45.11 9.94 -2.69
N CYS B 331 -44.88 8.92 -3.51
CA CYS B 331 -43.93 9.03 -4.61
C CYS B 331 -44.41 10.09 -5.59
N VAL B 332 -45.73 10.18 -5.74
CA VAL B 332 -46.30 11.16 -6.64
C VAL B 332 -46.01 12.52 -6.01
N ARG B 333 -46.30 12.61 -4.71
CA ARG B 333 -46.05 13.85 -3.98
C ARG B 333 -44.59 14.32 -4.12
N ASP B 334 -43.65 13.40 -3.93
CA ASP B 334 -42.23 13.75 -4.01
C ASP B 334 -41.64 13.56 -5.41
N LYS B 335 -42.52 13.27 -6.37
CA LYS B 335 -42.13 13.11 -7.76
C LYS B 335 -40.93 12.19 -7.97
N ASP B 336 -40.98 11.01 -7.38
CA ASP B 336 -39.89 10.07 -7.55
C ASP B 336 -40.42 8.71 -7.08
N PRO B 337 -40.50 7.75 -7.98
CA PRO B 337 -41.00 6.41 -7.67
C PRO B 337 -39.89 5.51 -7.16
N ARG B 338 -38.69 6.06 -6.99
CA ARG B 338 -37.55 5.23 -6.56
C ARG B 338 -37.29 5.14 -5.06
N ILE B 339 -38.04 5.92 -4.29
CA ILE B 339 -37.87 5.93 -2.84
C ILE B 339 -39.25 5.98 -2.23
N ALA B 340 -39.48 5.19 -1.19
CA ALA B 340 -40.77 5.16 -0.54
C ALA B 340 -40.60 4.84 0.94
N SER B 341 -41.25 5.64 1.78
CA SER B 341 -41.20 5.47 3.21
C SER B 341 -41.73 4.11 3.56
N TYR B 342 -41.30 3.61 4.72
CA TYR B 342 -41.78 2.32 5.21
C TYR B 342 -43.30 2.48 5.36
N ARG B 343 -43.71 3.66 5.82
CA ARG B 343 -45.14 3.92 5.98
C ARG B 343 -45.90 3.63 4.69
N GLN B 344 -45.37 4.16 3.59
CA GLN B 344 -45.99 3.99 2.28
C GLN B 344 -45.89 2.57 1.79
N LEU B 345 -44.75 1.92 2.02
CA LEU B 345 -44.59 0.55 1.56
C LEU B 345 -45.58 -0.34 2.23
N GLU B 346 -45.78 -0.10 3.52
CA GLU B 346 -46.71 -0.89 4.30
C GLU B 346 -48.12 -0.75 3.70
N GLN B 347 -48.50 0.46 3.32
CA GLN B 347 -49.82 0.67 2.74
C GLN B 347 -49.91 -0.05 1.39
N MET B 348 -48.79 -0.06 0.65
CA MET B 348 -48.74 -0.74 -0.64
C MET B 348 -48.91 -2.23 -0.44
N LEU B 349 -48.32 -2.73 0.63
CA LEU B 349 -48.44 -4.16 0.94
C LEU B 349 -49.87 -4.48 1.33
N GLN B 350 -50.53 -3.55 2.02
CA GLN B 350 -51.91 -3.75 2.46
C GLN B 350 -53.00 -3.52 1.40
N GLY B 351 -52.63 -3.02 0.22
CA GLY B 351 -53.67 -2.73 -0.75
C GLY B 351 -53.91 -3.42 -2.08
N ASN B 352 -53.63 -4.70 -2.22
CA ASN B 352 -53.94 -5.32 -3.52
C ASN B 352 -53.24 -4.59 -4.67
N TYR B 353 -51.98 -4.26 -4.46
CA TYR B 353 -51.26 -3.58 -5.52
C TYR B 353 -50.36 -4.50 -6.30
N GLY B 354 -50.28 -5.76 -5.88
CA GLY B 354 -49.46 -6.72 -6.61
C GLY B 354 -48.11 -7.01 -5.99
N TYR B 355 -47.85 -6.42 -4.82
CA TYR B 355 -46.57 -6.65 -4.17
C TYR B 355 -46.57 -7.91 -3.34
N GLN B 356 -45.38 -8.50 -3.27
CA GLN B 356 -45.14 -9.70 -2.51
C GLN B 356 -44.00 -9.31 -1.56
N ARG B 357 -44.19 -9.47 -0.25
CA ARG B 357 -43.08 -9.20 0.67
C ARG B 357 -42.27 -10.49 0.78
N LEU B 358 -40.98 -10.42 0.48
CA LEU B 358 -40.09 -11.57 0.57
C LEU B 358 -39.00 -11.25 1.59
N TRP B 359 -38.26 -12.26 1.99
CA TRP B 359 -37.22 -12.13 2.99
C TRP B 359 -35.94 -12.84 2.58
N ASN B 360 -34.82 -12.16 2.73
CA ASN B 360 -33.57 -12.81 2.38
C ASN B 360 -32.97 -13.15 3.74
N ASP B 361 -32.80 -14.43 4.02
CA ASP B 361 -32.31 -14.82 5.33
C ASP B 361 -30.81 -14.75 5.52
N LYS B 362 -30.09 -14.36 4.48
CA LYS B 362 -28.65 -14.20 4.58
C LYS B 362 -28.42 -12.72 4.97
N THR B 363 -29.05 -11.81 4.23
CA THR B 363 -28.90 -10.38 4.50
C THR B 363 -29.76 -9.97 5.69
N LYS B 364 -30.75 -10.81 6.01
CA LYS B 364 -31.70 -10.53 7.11
C LYS B 364 -32.46 -9.26 6.82
N THR B 365 -32.89 -9.12 5.58
CA THR B 365 -33.67 -7.94 5.19
C THR B 365 -34.82 -8.34 4.28
N PRO B 366 -35.88 -7.53 4.31
CA PRO B 366 -37.07 -7.78 3.49
C PRO B 366 -36.94 -7.05 2.18
N TYR B 367 -37.81 -7.41 1.25
CA TYR B 367 -37.87 -6.75 -0.03
C TYR B 367 -39.22 -7.05 -0.64
N LEU B 368 -39.67 -6.16 -1.51
CA LEU B 368 -40.93 -6.38 -2.17
C LEU B 368 -40.61 -6.69 -3.60
N TYR B 369 -41.41 -7.57 -4.17
CA TYR B 369 -41.25 -7.94 -5.56
C TYR B 369 -42.63 -7.80 -6.18
N HIS B 370 -42.71 -7.08 -7.29
CA HIS B 370 -43.98 -6.91 -7.98
C HIS B 370 -43.75 -7.72 -9.26
N ALA B 371 -44.24 -8.95 -9.24
CA ALA B 371 -44.08 -9.87 -10.37
C ALA B 371 -44.73 -9.34 -11.64
N GLN B 372 -45.89 -8.73 -11.48
CA GLN B 372 -46.67 -8.20 -12.58
C GLN B 372 -45.96 -7.11 -13.38
N ASN B 373 -45.44 -6.09 -12.70
CA ASN B 373 -44.78 -4.98 -13.37
C ASN B 373 -43.26 -4.98 -13.29
N GLY B 374 -42.70 -6.04 -12.73
CA GLY B 374 -41.26 -6.17 -12.62
C GLY B 374 -40.63 -5.12 -11.74
N LEU B 375 -41.14 -4.99 -10.50
CA LEU B 375 -40.64 -3.99 -9.56
C LEU B 375 -39.96 -4.70 -8.39
N PHE B 376 -38.95 -4.06 -7.82
CA PHE B 376 -38.20 -4.59 -6.68
C PHE B 376 -37.99 -3.43 -5.71
N VAL B 377 -38.23 -3.66 -4.42
CA VAL B 377 -38.03 -2.63 -3.42
C VAL B 377 -37.22 -3.21 -2.28
N THR B 378 -36.12 -2.53 -1.95
CA THR B 378 -35.30 -2.97 -0.84
C THR B 378 -35.56 -2.01 0.27
N TYR B 379 -35.83 -2.55 1.46
CA TYR B 379 -36.13 -1.71 2.61
C TYR B 379 -35.88 -2.49 3.88
N ASP B 380 -36.14 -1.86 5.01
CA ASP B 380 -36.00 -2.49 6.31
C ASP B 380 -37.33 -2.44 7.06
N ASP B 381 -37.50 -3.35 7.99
CA ASP B 381 -38.72 -3.35 8.78
C ASP B 381 -38.41 -3.83 10.18
N ALA B 382 -39.45 -4.00 11.00
CA ALA B 382 -39.24 -4.42 12.37
C ALA B 382 -38.53 -5.75 12.49
N GLU B 383 -38.60 -6.57 11.45
CA GLU B 383 -37.94 -7.86 11.49
C GLU B 383 -36.44 -7.67 11.22
N SER B 384 -36.07 -6.97 10.16
CA SER B 384 -34.64 -6.78 9.92
C SER B 384 -34.03 -6.04 11.13
N PHE B 385 -34.83 -5.19 11.78
CA PHE B 385 -34.32 -4.46 12.93
C PHE B 385 -34.00 -5.38 14.11
N LYS B 386 -34.64 -6.54 14.20
CA LYS B 386 -34.29 -7.43 15.31
C LYS B 386 -32.82 -7.83 15.18
N TYR B 387 -32.43 -8.23 13.97
CA TYR B 387 -31.05 -8.65 13.73
C TYR B 387 -30.09 -7.49 13.90
N LYS B 388 -30.46 -6.34 13.39
CA LYS B 388 -29.58 -5.18 13.52
C LYS B 388 -29.46 -4.76 14.97
N ALA B 389 -30.55 -4.89 15.73
CA ALA B 389 -30.49 -4.53 17.15
C ALA B 389 -29.61 -5.50 17.91
N LYS B 390 -29.71 -6.78 17.58
CA LYS B 390 -28.89 -7.76 18.28
C LYS B 390 -27.43 -7.49 17.91
N TYR B 391 -27.20 -7.16 16.65
CA TYR B 391 -25.84 -6.88 16.20
C TYR B 391 -25.31 -5.68 17.01
N ILE B 392 -26.11 -4.62 17.11
CA ILE B 392 -25.71 -3.45 17.88
C ILE B 392 -25.33 -3.83 19.31
N LYS B 393 -26.13 -4.67 19.94
CA LYS B 393 -25.81 -5.08 21.31
C LYS B 393 -24.58 -6.00 21.34
N GLN B 394 -24.54 -6.99 20.46
CA GLN B 394 -23.42 -7.94 20.43
C GLN B 394 -22.09 -7.27 20.16
N GLN B 395 -22.11 -6.31 19.23
CA GLN B 395 -20.90 -5.59 18.86
C GLN B 395 -20.64 -4.41 19.75
N GLN B 396 -21.48 -4.21 20.76
CA GLN B 396 -21.32 -3.12 21.70
C GLN B 396 -21.25 -1.75 21.01
N LEU B 397 -22.13 -1.56 20.03
CA LEU B 397 -22.17 -0.29 19.32
C LEU B 397 -22.91 0.72 20.17
N GLY B 398 -22.82 1.99 19.81
CA GLY B 398 -23.47 3.00 20.60
C GLY B 398 -24.98 3.03 20.47
N GLY B 399 -25.52 2.52 19.38
CA GLY B 399 -26.96 2.59 19.20
C GLY B 399 -27.32 2.59 17.73
N VAL B 400 -28.47 3.18 17.41
CA VAL B 400 -28.98 3.18 16.04
C VAL B 400 -29.40 4.60 15.66
N MET B 401 -29.31 4.93 14.37
CA MET B 401 -29.74 6.23 13.89
C MET B 401 -30.65 5.90 12.70
N PHE B 402 -31.64 6.74 12.41
CA PHE B 402 -32.46 6.45 11.26
C PHE B 402 -32.96 7.69 10.60
N TRP B 403 -33.15 7.57 9.31
CA TRP B 403 -33.71 8.64 8.50
C TRP B 403 -34.97 8.02 7.91
N HIS B 404 -36.14 8.63 8.14
CA HIS B 404 -36.32 9.74 9.08
C HIS B 404 -37.66 9.49 9.76
N LEU B 405 -37.94 10.20 10.85
CA LEU B 405 -39.17 9.99 11.61
C LEU B 405 -40.47 9.99 10.82
N GLY B 406 -40.57 10.86 9.82
CA GLY B 406 -41.82 10.93 9.07
C GLY B 406 -42.12 9.73 8.22
N GLN B 407 -41.14 8.83 8.11
CA GLN B 407 -41.31 7.66 7.26
C GLN B 407 -41.77 6.44 8.03
N ASP B 408 -41.82 6.54 9.35
CA ASP B 408 -42.30 5.41 10.13
C ASP B 408 -43.80 5.39 9.86
N ASN B 409 -44.48 4.28 10.13
CA ASN B 409 -45.92 4.31 9.89
C ASN B 409 -46.57 5.13 11.00
N ARG B 410 -47.86 5.42 10.86
CA ARG B 410 -48.55 6.22 11.86
C ARG B 410 -48.43 5.65 13.27
N ASN B 411 -48.42 4.34 13.41
CA ASN B 411 -48.29 3.75 14.74
C ASN B 411 -46.87 3.87 15.29
N GLY B 412 -45.93 4.31 14.45
CA GLY B 412 -44.54 4.44 14.87
C GLY B 412 -43.93 3.09 15.20
N ASP B 413 -44.31 2.07 14.43
CA ASP B 413 -43.83 0.72 14.69
C ASP B 413 -42.32 0.47 14.57
N LEU B 414 -41.66 1.13 13.63
CA LEU B 414 -40.23 0.91 13.47
C LEU B 414 -39.47 1.44 14.66
N LEU B 415 -39.82 2.67 15.06
CA LEU B 415 -39.17 3.24 16.22
C LEU B 415 -39.49 2.43 17.46
N ALA B 416 -40.75 2.01 17.60
CA ALA B 416 -41.11 1.24 18.77
C ALA B 416 -40.33 -0.05 18.76
N ALA B 417 -40.13 -0.62 17.58
CA ALA B 417 -39.41 -1.87 17.50
C ALA B 417 -37.97 -1.68 17.98
N LEU B 418 -37.31 -0.62 17.50
CA LEU B 418 -35.93 -0.36 17.91
C LEU B 418 -35.86 -0.20 19.42
N ASP B 419 -36.75 0.62 19.96
CA ASP B 419 -36.76 0.83 21.42
C ASP B 419 -37.00 -0.49 22.16
N ARG B 420 -37.92 -1.30 21.63
CA ARG B 420 -38.22 -2.59 22.25
C ARG B 420 -36.97 -3.48 22.31
N TYR B 421 -36.34 -3.68 21.17
CA TYR B 421 -35.19 -4.56 21.10
C TYR B 421 -34.08 -4.16 22.03
N PHE B 422 -33.95 -2.86 22.29
CA PHE B 422 -32.92 -2.41 23.21
C PHE B 422 -33.35 -2.36 24.67
N ASN B 423 -34.60 -2.00 24.91
CA ASN B 423 -35.00 -1.76 26.29
C ASN B 423 -36.11 -2.53 26.91
N ALA B 424 -36.90 -3.21 26.12
CA ALA B 424 -38.05 -3.95 26.67
C ALA B 424 -37.61 -5.11 27.53
N ALA B 425 -38.11 -5.14 28.77
CA ALA B 425 -37.77 -6.22 29.67
C ALA B 425 -38.37 -7.52 29.14
N ASP B 426 -39.49 -7.42 28.40
CA ASP B 426 -40.13 -8.60 27.88
C ASP B 426 -39.71 -9.05 26.49
N TYR B 427 -38.65 -8.45 25.96
CA TYR B 427 -38.15 -8.86 24.66
C TYR B 427 -36.83 -9.59 24.93
N ASP B 428 -36.68 -10.76 24.36
CA ASP B 428 -35.49 -11.61 24.57
C ASP B 428 -34.98 -12.11 23.23
N ASP B 429 -33.88 -11.55 22.75
CA ASP B 429 -33.34 -12.00 21.47
C ASP B 429 -32.13 -12.91 21.64
N SER B 430 -31.98 -13.46 22.84
CA SER B 430 -30.86 -14.35 23.15
C SER B 430 -30.76 -15.52 22.18
N GLN B 431 -31.89 -15.98 21.66
CA GLN B 431 -31.90 -17.11 20.72
C GLN B 431 -32.11 -16.69 19.27
N LEU B 432 -32.12 -15.39 18.99
CA LEU B 432 -32.32 -14.97 17.62
C LEU B 432 -31.11 -15.43 16.83
N ASP B 433 -31.37 -16.21 15.78
CA ASP B 433 -30.30 -16.73 14.93
C ASP B 433 -29.86 -15.70 13.92
N MET B 434 -28.60 -15.29 14.02
CA MET B 434 -28.05 -14.28 13.13
C MET B 434 -27.77 -14.76 11.69
N GLY B 435 -28.02 -16.04 11.44
CA GLY B 435 -27.88 -16.57 10.10
C GLY B 435 -26.47 -16.89 9.65
N THR B 436 -26.36 -17.33 8.41
CA THR B 436 -25.07 -17.68 7.86
C THR B 436 -24.60 -16.71 6.77
N GLY B 437 -25.17 -15.51 6.78
CA GLY B 437 -24.76 -14.51 5.82
C GLY B 437 -23.27 -14.25 5.99
N LEU B 438 -22.64 -13.77 4.93
CA LEU B 438 -21.19 -13.51 4.98
C LEU B 438 -20.82 -12.39 5.90
N ARG B 439 -19.89 -12.69 6.81
CA ARG B 439 -19.38 -11.68 7.74
C ARG B 439 -18.13 -11.06 7.10
N TYR B 440 -17.88 -9.79 7.42
CA TYR B 440 -16.69 -9.14 6.90
C TYR B 440 -15.55 -9.63 7.76
N THR B 441 -14.52 -10.21 7.15
CA THR B 441 -13.43 -10.78 7.94
C THR B 441 -12.07 -10.07 7.94
N GLY B 442 -12.03 -8.83 7.47
CA GLY B 442 -10.77 -8.11 7.46
C GLY B 442 -10.20 -7.93 8.85
N VAL B 443 -8.87 -7.82 8.93
CA VAL B 443 -8.20 -7.59 10.21
C VAL B 443 -7.24 -6.45 9.94
N GLY B 444 -7.32 -5.43 10.77
CA GLY B 444 -6.49 -4.25 10.61
C GLY B 444 -5.35 -4.26 11.58
N PRO B 445 -4.12 -3.88 11.14
CA PRO B 445 -2.92 -3.86 11.99
C PRO B 445 -3.24 -3.12 13.29
N GLY B 446 -4.34 -2.37 13.26
CA GLY B 446 -4.76 -1.63 14.43
C GLY B 446 -5.63 -2.44 15.37
N ASN B 447 -6.20 -3.56 14.89
CA ASN B 447 -7.07 -4.43 15.69
C ASN B 447 -6.71 -5.93 15.64
N LEU B 448 -5.43 -6.18 15.86
CA LEU B 448 -4.89 -7.51 15.83
C LEU B 448 -5.31 -8.31 17.05
N PRO B 449 -5.40 -9.64 16.91
CA PRO B 449 -5.79 -10.45 18.06
C PRO B 449 -4.60 -10.57 19.01
N ILE B 450 -4.88 -10.90 20.26
CA ILE B 450 -3.84 -11.10 21.25
C ILE B 450 -3.15 -12.38 20.78
N MET B 451 -1.83 -12.39 20.77
CA MET B 451 -1.10 -13.57 20.34
C MET B 451 0.09 -13.76 21.25
N THR B 452 0.62 -14.97 21.25
CA THR B 452 1.73 -15.29 22.10
C THR B 452 2.83 -15.97 21.28
N ALA B 453 4.03 -15.43 21.38
CA ALA B 453 5.15 -16.00 20.64
C ALA B 453 6.43 -15.72 21.38
N PRO B 454 7.46 -16.53 21.13
CA PRO B 454 8.77 -16.38 21.77
C PRO B 454 9.33 -15.00 21.44
N ALA B 455 9.98 -14.36 22.40
CA ALA B 455 10.57 -13.06 22.16
C ALA B 455 11.58 -13.14 21.01
N TYR B 456 11.63 -12.09 20.20
CA TYR B 456 12.58 -12.03 19.11
C TYR B 456 13.98 -12.10 19.75
N VAL B 457 14.91 -12.78 19.10
CA VAL B 457 16.29 -12.90 19.61
C VAL B 457 17.25 -12.28 18.62
N PRO B 458 17.81 -11.10 18.92
CA PRO B 458 18.75 -10.45 18.00
C PRO B 458 19.90 -11.39 17.61
N GLY B 459 20.28 -11.37 16.34
CA GLY B 459 21.37 -12.21 15.85
C GLY B 459 20.84 -13.51 15.26
N THR B 460 19.57 -13.80 15.51
CA THR B 460 18.92 -15.01 15.01
C THR B 460 18.55 -14.84 13.54
N THR B 461 18.65 -15.91 12.77
CA THR B 461 18.25 -15.86 11.38
C THR B 461 16.94 -16.65 11.39
N TYR B 462 15.85 -15.98 11.03
CA TYR B 462 14.55 -16.64 11.06
C TYR B 462 14.10 -17.13 9.71
N ALA B 463 13.40 -18.26 9.72
CA ALA B 463 12.85 -18.82 8.50
C ALA B 463 11.50 -18.17 8.24
N GLN B 464 10.98 -18.39 7.04
CA GLN B 464 9.69 -17.88 6.66
C GLN B 464 8.64 -18.46 7.59
N GLY B 465 7.62 -17.67 7.92
CA GLY B 465 6.56 -18.15 8.79
C GLY B 465 6.85 -18.08 10.27
N ALA B 466 8.08 -17.75 10.65
CA ALA B 466 8.44 -17.65 12.07
C ALA B 466 7.68 -16.54 12.78
N LEU B 467 7.25 -16.85 14.00
CA LEU B 467 6.50 -15.91 14.83
C LEU B 467 7.35 -15.53 16.03
N VAL B 468 7.43 -14.23 16.30
CA VAL B 468 8.20 -13.73 17.43
C VAL B 468 7.41 -12.57 18.05
N SER B 469 7.65 -12.30 19.32
CA SER B 469 7.01 -11.18 19.99
C SER B 469 8.10 -10.11 20.07
N TYR B 470 7.73 -8.86 19.86
CA TYR B 470 8.72 -7.82 19.86
C TYR B 470 8.07 -6.45 19.89
N GLN B 471 8.48 -5.64 20.85
CA GLN B 471 7.95 -4.30 20.99
C GLN B 471 6.42 -4.20 20.94
N GLY B 472 5.75 -5.09 21.67
CA GLY B 472 4.32 -5.04 21.77
C GLY B 472 3.50 -5.82 20.76
N TYR B 473 4.15 -6.45 19.79
CA TYR B 473 3.41 -7.20 18.81
C TYR B 473 4.03 -8.52 18.53
N VAL B 474 3.25 -9.40 17.94
CA VAL B 474 3.74 -10.68 17.52
C VAL B 474 3.91 -10.44 16.01
N TRP B 475 5.07 -10.78 15.49
CA TRP B 475 5.38 -10.54 14.07
C TRP B 475 5.68 -11.86 13.40
N GLN B 476 5.41 -11.93 12.12
CA GLN B 476 5.66 -13.13 11.36
C GLN B 476 6.52 -12.78 10.16
N THR B 477 7.51 -13.61 9.88
CA THR B 477 8.38 -13.34 8.74
C THR B 477 7.66 -13.72 7.44
N LYS B 478 7.92 -12.95 6.39
CA LYS B 478 7.29 -13.18 5.10
C LYS B 478 8.15 -13.96 4.13
N TRP B 479 9.41 -14.14 4.51
CA TRP B 479 10.35 -14.95 3.75
C TRP B 479 11.41 -15.41 4.73
N GLY B 480 12.41 -16.15 4.26
CA GLY B 480 13.42 -16.68 5.16
C GLY B 480 14.72 -15.91 5.22
N TYR B 481 15.67 -16.46 5.99
CA TYR B 481 16.98 -15.87 6.18
C TYR B 481 16.86 -14.45 6.70
N ILE B 482 15.88 -14.25 7.58
CA ILE B 482 15.60 -12.95 8.17
C ILE B 482 16.57 -12.63 9.30
N THR B 483 17.42 -11.63 9.08
CA THR B 483 18.42 -11.26 10.09
C THR B 483 18.12 -9.89 10.68
N SER B 484 16.98 -9.34 10.29
CA SER B 484 16.56 -8.02 10.77
C SER B 484 15.63 -8.20 11.97
N ALA B 485 15.47 -7.14 12.76
CA ALA B 485 14.59 -7.17 13.92
C ALA B 485 13.20 -6.81 13.37
N PRO B 486 12.13 -7.34 13.99
CA PRO B 486 10.79 -7.02 13.48
C PRO B 486 10.56 -5.53 13.50
N GLY B 487 9.98 -5.04 12.40
CA GLY B 487 9.69 -3.63 12.26
C GLY B 487 10.82 -2.84 11.62
N SER B 488 12.02 -3.39 11.63
CA SER B 488 13.18 -2.70 11.07
C SER B 488 13.29 -2.76 9.55
N ASP B 489 12.50 -3.61 8.92
CA ASP B 489 12.53 -3.70 7.47
C ASP B 489 11.15 -4.02 6.93
N SER B 490 11.12 -4.82 5.88
CA SER B 490 9.88 -5.20 5.23
C SER B 490 9.58 -6.69 5.36
N ALA B 491 10.47 -7.45 5.98
CA ALA B 491 10.29 -8.90 6.06
C ALA B 491 9.31 -9.36 7.12
N TRP B 492 8.97 -8.48 8.04
CA TRP B 492 8.06 -8.84 9.14
C TRP B 492 6.68 -8.27 9.03
N LEU B 493 5.71 -9.07 9.45
CA LEU B 493 4.32 -8.65 9.41
C LEU B 493 3.74 -8.73 10.82
N LYS B 494 3.18 -7.63 11.29
CA LYS B 494 2.54 -7.61 12.61
C LYS B 494 1.28 -8.44 12.42
N VAL B 495 1.15 -9.49 13.21
CA VAL B 495 -0.03 -10.35 13.09
C VAL B 495 -0.81 -10.46 14.40
N GLY B 496 -0.25 -9.95 15.48
CA GLY B 496 -0.93 -10.02 16.76
C GLY B 496 -0.38 -9.01 17.75
N ARG B 497 -1.12 -8.82 18.84
CA ARG B 497 -0.73 -7.92 19.91
C ARG B 497 -0.25 -8.76 21.09
N VAL B 498 0.77 -8.27 21.76
CA VAL B 498 1.31 -8.93 22.93
C VAL B 498 0.44 -8.47 24.11
N ALA B 499 0.12 -9.38 25.02
CA ALA B 499 -0.72 -9.00 26.15
C ALA B 499 0.10 -8.18 27.14
C1 GOL C . 17.16 -16.63 -3.30
O1 GOL C . 17.37 -16.63 -1.87
C2 GOL C . 18.18 -15.72 -3.99
O2 GOL C . 19.50 -16.13 -3.65
C3 GOL C . 17.99 -14.26 -3.57
O3 GOL C . 18.16 -14.12 -2.15
C1 GOL D . -16.00 8.47 -3.40
O1 GOL D . -16.50 7.30 -4.03
C2 GOL D . -14.72 8.92 -4.10
O2 GOL D . -14.08 9.93 -3.34
C3 GOL D . -15.05 9.42 -5.52
O3 GOL D . -15.85 10.61 -5.48
C1 GOL E . 5.66 -10.99 -13.81
O1 GOL E . 6.29 -9.72 -13.91
C2 GOL E . 6.70 -12.10 -13.96
O2 GOL E . 6.07 -13.38 -13.83
C3 GOL E . 7.74 -11.93 -12.86
O3 GOL E . 8.65 -13.01 -12.92
C1 GOL F . 0.33 -8.85 -5.57
O1 GOL F . 1.74 -9.09 -5.65
C2 GOL F . -0.47 -10.03 -6.17
O2 GOL F . -0.05 -11.29 -5.61
C3 GOL F . -0.32 -10.10 -7.70
O3 GOL F . 0.94 -10.66 -8.03
C1 GOL G . 26.48 12.67 -10.81
O1 GOL G . 27.75 12.04 -10.86
C2 GOL G . 25.57 12.10 -11.91
O2 GOL G . 26.15 12.35 -13.19
C3 GOL G . 24.21 12.77 -11.83
O3 GOL G . 23.65 12.54 -10.55
C1 GOL H . 13.84 -16.61 -0.47
O1 GOL H . 13.40 -17.96 -0.41
C2 GOL H . 14.70 -16.29 0.77
O2 GOL H . 13.95 -16.60 1.95
C3 GOL H . 15.07 -14.80 0.76
O3 GOL H . 15.79 -14.49 1.96
S SO4 I . 37.48 -9.38 -31.55
O1 SO4 I . 36.97 -10.30 -32.61
O2 SO4 I . 37.87 -10.16 -30.36
O3 SO4 I . 38.67 -8.64 -32.05
O4 SO4 I . 36.42 -8.43 -31.19
S SO4 J . 15.71 7.62 -17.56
O1 SO4 J . 15.48 7.88 -18.99
O2 SO4 J . 15.63 6.16 -17.28
O3 SO4 J . 17.04 8.14 -17.19
O4 SO4 J . 14.70 8.34 -16.75
N TYP K . 30.10 -10.34 -2.91
CA TYP K . 30.44 -11.00 -4.18
C TYP K . 30.25 -10.02 -5.32
O TYP K . 29.81 -10.37 -6.39
CB TYP K . 29.53 -12.23 -4.36
CG TYP K . 30.00 -13.34 -3.43
CD1 TYP K . 29.55 -13.38 -2.09
CE1 TYP K . 30.00 -14.41 -1.23
CE2 TYP K . 31.36 -15.33 -3.06
CD2 TYP K . 30.90 -14.31 -3.91
CZ TYP K . 30.91 -15.38 -1.72
OH TYP K . 31.37 -16.35 -0.88
NP TYP K . 30.64 -8.68 -5.12
CAP TYP K . 31.24 -8.31 -3.83
CP TYP K . 30.46 -9.00 -2.71
OP TYP K . 30.14 -8.41 -1.67
CBP TYP K . 31.13 -6.78 -3.77
CGP TYP K . 30.17 -6.40 -4.90
CDP TYP K . 30.36 -7.49 -5.95
N TYP L . 34.85 -15.41 0.11
CA TYP L . 34.54 -15.18 -1.32
C TYP L . 34.97 -16.39 -2.15
O TYP L . 35.34 -16.26 -3.32
CB TYP L . 35.22 -13.90 -1.80
CG TYP L . 34.59 -12.68 -1.12
CD1 TYP L . 35.32 -11.91 -0.19
CE1 TYP L . 34.70 -10.81 0.44
CE2 TYP L . 32.63 -11.27 -0.76
CD2 TYP L . 33.25 -12.36 -1.40
CZ TYP L . 33.36 -10.50 0.15
OH TYP L . 32.74 -9.45 0.77
NP TYP L . 34.87 -17.70 -1.61
CAP TYP L . 34.31 -17.87 -0.24
CP TYP L . 34.63 -16.67 0.68
OP TYP L . 34.68 -16.82 1.90
CBP TYP L . 34.90 -19.18 0.23
CGP TYP L . 34.96 -20.02 -1.05
CDP TYP L . 35.36 -19.01 -2.14
N TYP M . 23.29 -16.91 1.56
CA TYP M . 22.18 -16.18 0.93
C TYP M . 22.65 -14.77 0.46
O TYP M . 21.86 -13.84 0.40
CB TYP M . 20.99 -16.06 1.91
CG TYP M . 21.45 -15.60 3.31
CD1 TYP M . 21.44 -14.23 3.65
CE1 TYP M . 21.88 -13.82 4.92
CE2 TYP M . 22.36 -16.14 5.52
CD2 TYP M . 21.91 -16.55 4.24
CZ TYP M . 22.35 -14.77 5.86
OH TYP M . 22.81 -14.37 7.07
NP TYP M . 24.00 -14.57 0.05
CAP TYP M . 24.94 -15.72 0.04
CP TYP M . 24.61 -16.79 1.09
OP TYP M . 25.49 -17.56 1.48
CBP TYP M . 26.29 -15.07 0.25
CGP TYP M . 26.16 -13.78 -0.55
CDP TYP M . 24.70 -13.32 -0.33
C1 GOL N . -28.33 9.34 26.26
O1 GOL N . -28.27 9.70 24.89
C2 GOL N . -29.00 7.98 26.41
O2 GOL N . -29.12 7.67 27.80
C3 GOL N . -28.15 6.89 25.73
O3 GOL N . -26.96 6.65 26.47
C1 GOL O . -16.00 -11.78 2.68
O1 GOL O . -16.80 -11.74 1.49
C2 GOL O . -15.58 -10.35 3.05
O2 GOL O . -14.72 -10.38 4.19
C3 GOL O . -16.83 -9.54 3.37
O3 GOL O . -17.73 -9.56 2.27
C1 GOL P . 16.25 -9.00 3.61
O1 GOL P . 15.81 -10.28 3.13
C2 GOL P . 15.39 -8.59 4.80
O2 GOL P . 15.83 -7.33 5.31
C3 GOL P . 15.51 -9.66 5.90
O3 GOL P . 16.86 -9.75 6.35
C1 GOL Q . -19.68 1.25 -6.89
O1 GOL Q . -20.24 0.45 -7.94
C2 GOL Q . -19.90 2.73 -7.21
O2 GOL Q . -19.26 3.06 -8.45
C3 GOL Q . -19.31 3.59 -6.09
O3 GOL Q . -19.51 4.98 -6.38
C1 GOL R . -22.18 3.14 -3.07
O1 GOL R . -22.05 2.84 -1.67
C2 GOL R . -22.73 1.90 -3.82
O2 GOL R . -22.92 2.23 -5.20
C3 GOL R . -24.06 1.50 -3.21
O3 GOL R . -24.97 2.58 -3.31
C1 GOL S . -7.22 -7.82 -2.52
O1 GOL S . -8.05 -7.20 -1.53
C2 GOL S . -7.08 -9.33 -2.26
O2 GOL S . -6.11 -9.89 -3.16
C3 GOL S . -8.42 -10.05 -2.42
O3 GOL S . -9.32 -9.66 -1.39
N TYP T . -29.28 11.55 3.37
CA TYP T . -30.37 10.63 3.75
C TYP T . -30.08 10.07 5.15
O TYP T . -30.29 8.90 5.42
CB TYP T . -30.48 9.50 2.72
CG TYP T . -31.10 10.06 1.45
CD1 TYP T . -30.30 10.70 0.49
CE1 TYP T . -30.89 11.21 -0.69
CE2 TYP T . -33.08 10.41 0.06
CD2 TYP T . -32.49 9.90 1.24
CZ TYP T . -32.28 11.06 -0.90
OH TYP T . -32.87 11.58 -2.03
NP TYP T . -29.61 10.95 6.12
CAP TYP T . -29.41 12.39 5.74
CP TYP T . -28.77 12.41 4.34
OP TYP T . -27.82 13.15 4.08
CBP TYP T . -28.48 12.94 6.83
CGP TYP T . -27.94 11.71 7.56
CDP TYP T . -29.05 10.67 7.46
N TYP U . -34.60 14.72 -1.03
CA TYP U . -34.78 13.56 -0.14
C TYP U . -36.07 12.82 -0.50
O TYP U . -36.75 12.29 0.38
CB TYP U . -34.79 14.01 1.32
CG TYP U . -33.42 14.58 1.69
CD1 TYP U . -33.27 15.96 1.92
CE1 TYP U . -32.00 16.48 2.18
CE2 TYP U . -31.03 14.26 1.98
CD2 TYP U . -32.30 13.72 1.73
CZ TYP U . -30.87 15.63 2.21
OH TYP U . -29.64 16.15 2.42
NP TYP U . -36.46 12.72 -1.85
CAP TYP U . -35.61 13.33 -2.90
CP TYP U . -34.92 14.61 -2.40
OP TYP U . -34.64 15.51 -3.18
CBP TYP U . -36.56 13.55 -4.07
CGP TYP U . -37.50 12.36 -3.96
CDP TYP U . -37.71 12.16 -2.46
N TYP V . -26.59 8.31 -6.10
CA TYP V . -25.53 7.49 -5.48
C TYP V . -25.25 7.97 -4.04
O TYP V . -24.12 7.86 -3.56
CB TYP V . -24.25 7.55 -6.35
CG TYP V . -23.83 8.99 -6.66
CD1 TYP V . -22.83 9.62 -5.88
CE1 TYP V . -22.45 10.94 -6.17
CE2 TYP V . -24.07 11.00 -8.00
CD2 TYP V . -24.44 9.67 -7.72
CZ TYP V . -23.08 11.64 -7.23
OH TYP V . -22.76 12.94 -7.48
NP TYP V . -26.29 8.50 -3.26
CAP TYP V . -27.67 8.57 -3.81
CP TYP V . -27.70 8.73 -5.33
OP TYP V . -28.70 9.21 -5.88
CBP TYP V . -28.28 9.76 -3.09
CGP TYP V . -27.66 9.65 -1.69
CDP TYP V . -26.22 9.17 -1.94
N TYP W . -17.85 13.66 27.12
CA TYP W . -17.19 14.98 26.94
C TYP W . -16.11 14.96 25.84
O TYP W . -15.14 15.70 25.90
CB TYP W . -16.57 15.43 28.27
CG TYP W . -17.65 15.95 29.22
CD1 TYP W . -18.03 15.20 30.35
CE1 TYP W . -19.01 15.71 31.22
CE2 TYP W . -19.21 17.71 29.82
CD2 TYP W . -18.25 17.19 28.96
CZ TYP W . -19.59 16.97 30.96
OH TYP W . -20.51 17.50 31.82
NP TYP W . -16.24 14.07 24.75
CAP TYP W . -17.41 13.18 24.67
CP TYP W . -17.87 12.72 26.05
OP TYP W . -18.24 11.56 26.25
CBP TYP W . -16.93 12.02 23.80
CGP TYP W . -16.00 12.71 22.81
CDP TYP W . -15.28 13.80 23.63
#